data_3SB4
#
_entry.id   3SB4
#
_cell.length_a   52.210
_cell.length_b   62.130
_cell.length_c   66.860
_cell.angle_alpha   109.800
_cell.angle_beta   93.750
_cell.angle_gamma   91.050
#
_symmetry.space_group_name_H-M   'P 1'
#
loop_
_entity.id
_entity.type
_entity.pdbx_description
1 polymer 'Hypothetical leucine rich repeat protein'
2 non-polymer GLYCEROL
3 non-polymer 'TETRAETHYLENE GLYCOL'
4 water water
#
_entity_poly.entity_id   1
_entity_poly.type   'polypeptide(L)'
_entity_poly.pdbx_seq_one_letter_code
;GQVSKTYYVSKPGTLIS(MSE)(MSE)TEEEANSITHLTLTGKLNAEDFRHLRDEFPSLKVLDISNAEIK(MSE)YSGKA
GTYPNGKFYIY(MSE)ANFVPAYAFSNVVNGVTKGKQTLEKVILSEKIKNIEDAAFKGCDNLKICQIRKKTAPNLLPEAL
ADSVTAIFIPLGSSDAYRFKNRWEHFAFIEGEPLETTIQVGA(MSE)GKLEDEI(MSE)KAGLQPRDINFLTIEGKLDNA
DFKLIRDY(MSE)PNLVSLDISKTNATTIPDFTFAQKKYLLKIKLPHNLKTIGQRVFSNCGRLAGTLELPASVTAIEFGA
F(MSE)GCDNLRYVLATGDKITTLGDELFGNGVPSKLIYKK
;
_entity_poly.pdbx_strand_id   A,B
#
loop_
_chem_comp.id
_chem_comp.type
_chem_comp.name
_chem_comp.formula
GOL non-polymer GLYCEROL 'C3 H8 O3'
PG4 non-polymer 'TETRAETHYLENE GLYCOL' 'C8 H18 O5'
#
# COMPACT_ATOMS: atom_id res chain seq x y z
N GLY A 1 -17.04 -22.09 16.82
CA GLY A 1 -17.77 -21.03 17.51
C GLY A 1 -19.28 -21.12 17.37
N GLN A 2 -19.92 -19.95 17.12
CA GLN A 2 -21.37 -19.72 17.00
C GLN A 2 -22.11 -20.87 16.26
N VAL A 3 -22.01 -21.00 14.90
CA VAL A 3 -22.71 -22.09 14.20
C VAL A 3 -21.71 -22.89 13.35
N SER A 4 -21.45 -24.14 13.75
CA SER A 4 -20.52 -25.03 13.05
C SER A 4 -21.26 -26.12 12.29
N LYS A 5 -20.94 -26.24 11.00
CA LYS A 5 -21.56 -27.23 10.12
C LYS A 5 -20.48 -27.88 9.25
N THR A 6 -20.69 -29.13 8.92
CA THR A 6 -19.83 -29.93 8.05
C THR A 6 -20.71 -30.50 6.94
N TYR A 7 -20.32 -30.27 5.67
CA TYR A 7 -21.05 -30.78 4.52
C TYR A 7 -20.13 -31.55 3.62
N TYR A 8 -20.58 -32.72 3.19
CA TYR A 8 -19.88 -33.51 2.20
C TYR A 8 -20.49 -33.12 0.88
N VAL A 9 -19.69 -32.55 -0.02
CA VAL A 9 -20.21 -32.11 -1.32
C VAL A 9 -19.88 -33.20 -2.31
N SER A 10 -20.89 -33.96 -2.71
CA SER A 10 -20.77 -35.08 -3.63
C SER A 10 -20.40 -34.60 -5.04
N LYS A 11 -21.10 -33.57 -5.52
CA LYS A 11 -20.91 -33.04 -6.87
C LYS A 11 -20.48 -31.58 -6.79
N PRO A 12 -19.39 -31.18 -7.47
CA PRO A 12 -18.94 -29.78 -7.40
C PRO A 12 -19.99 -28.81 -7.92
N GLY A 13 -20.12 -27.67 -7.25
CA GLY A 13 -21.07 -26.62 -7.62
C GLY A 13 -22.45 -26.81 -7.02
N THR A 14 -22.65 -27.87 -6.20
CA THR A 14 -23.97 -28.15 -5.60
C THR A 14 -24.04 -27.83 -4.11
N LEU A 15 -22.98 -27.19 -3.56
CA LEU A 15 -22.98 -26.84 -2.15
C LEU A 15 -24.23 -26.06 -1.71
N ILE A 16 -24.55 -24.97 -2.43
CA ILE A 16 -25.65 -24.05 -2.06
C ILE A 16 -27.03 -24.71 -2.09
N SER A 17 -27.16 -25.78 -2.88
CA SER A 17 -28.39 -26.50 -3.12
C SER A 17 -28.63 -27.61 -2.08
N MSE A 18 -27.71 -27.73 -1.12
CA MSE A 18 -27.74 -28.77 -0.07
C MSE A 18 -28.37 -28.32 1.23
O MSE A 18 -28.60 -29.13 2.13
CB MSE A 18 -26.30 -29.16 0.23
CG MSE A 18 -25.65 -29.97 -0.85
SE MSE A 18 -23.93 -30.51 -0.19
CE MSE A 18 -24.60 -31.94 1.06
N MSE A 19 -28.57 -26.99 1.37
N MSE A 19 -28.64 -27.02 1.32
CA MSE A 19 -29.16 -26.41 2.57
CA MSE A 19 -29.22 -26.43 2.52
C MSE A 19 -29.98 -25.18 2.19
C MSE A 19 -30.09 -25.25 2.15
O MSE A 19 -29.81 -24.60 1.11
O MSE A 19 -30.03 -24.77 1.00
CB MSE A 19 -28.06 -26.06 3.60
CB MSE A 19 -28.09 -25.98 3.46
CG MSE A 19 -27.36 -24.73 3.35
CG MSE A 19 -27.23 -24.87 2.88
SE MSE A 19 -26.25 -24.72 1.77
SE MSE A 19 -25.65 -24.66 3.90
CE MSE A 19 -24.75 -25.76 2.51
CE MSE A 19 -24.46 -25.65 2.77
N THR A 20 -30.86 -24.76 3.11
CA THR A 20 -31.76 -23.65 2.92
C THR A 20 -30.96 -22.39 3.06
N GLU A 21 -31.58 -21.28 2.73
CA GLU A 21 -30.98 -19.97 2.85
C GLU A 21 -30.79 -19.65 4.33
N GLU A 22 -31.76 -20.00 5.18
CA GLU A 22 -31.67 -19.73 6.63
C GLU A 22 -30.48 -20.50 7.26
N GLU A 23 -30.29 -21.76 6.87
CA GLU A 23 -29.18 -22.60 7.31
C GLU A 23 -27.83 -21.98 6.87
N ALA A 24 -27.67 -21.71 5.56
CA ALA A 24 -26.43 -21.12 5.07
C ALA A 24 -26.14 -19.77 5.71
N ASN A 25 -27.19 -18.92 5.95
CA ASN A 25 -26.99 -17.58 6.52
C ASN A 25 -26.47 -17.57 7.94
N SER A 26 -26.69 -18.67 8.67
CA SER A 26 -26.32 -18.74 10.07
C SER A 26 -24.91 -19.32 10.28
N ILE A 27 -24.37 -20.02 9.28
CA ILE A 27 -23.09 -20.73 9.46
C ILE A 27 -21.93 -19.75 9.64
N THR A 28 -21.19 -19.95 10.74
CA THR A 28 -20.01 -19.15 11.01
C THR A 28 -18.75 -19.96 10.75
N HIS A 29 -18.77 -21.27 11.10
CA HIS A 29 -17.64 -22.18 10.95
C HIS A 29 -18.03 -23.32 9.98
N LEU A 30 -17.56 -23.28 8.73
CA LEU A 30 -17.95 -24.27 7.74
C LEU A 30 -16.80 -25.18 7.34
N THR A 31 -17.03 -26.50 7.47
CA THR A 31 -16.09 -27.53 7.06
C THR A 31 -16.71 -28.22 5.86
N LEU A 32 -15.95 -28.29 4.76
CA LEU A 32 -16.42 -28.93 3.55
C LEU A 32 -15.51 -30.09 3.18
N THR A 33 -16.13 -31.22 2.86
CA THR A 33 -15.40 -32.38 2.39
C THR A 33 -15.99 -32.68 1.01
N GLY A 34 -15.35 -33.58 0.29
CA GLY A 34 -15.81 -33.93 -1.04
C GLY A 34 -15.22 -33.07 -2.13
N LYS A 35 -16.07 -32.72 -3.10
CA LYS A 35 -15.66 -32.05 -4.32
C LYS A 35 -16.28 -30.69 -4.45
N LEU A 36 -15.46 -29.69 -4.72
CA LEU A 36 -15.90 -28.32 -4.88
C LEU A 36 -15.43 -27.78 -6.20
N ASN A 37 -15.98 -26.67 -6.64
CA ASN A 37 -15.49 -25.98 -7.83
C ASN A 37 -15.70 -24.48 -7.60
N ALA A 38 -15.31 -23.63 -8.55
CA ALA A 38 -15.42 -22.17 -8.45
C ALA A 38 -16.87 -21.72 -8.24
N GLU A 39 -17.86 -22.52 -8.67
CA GLU A 39 -19.26 -22.15 -8.45
C GLU A 39 -19.60 -22.20 -6.94
N ASP A 40 -19.08 -23.20 -6.21
CA ASP A 40 -19.27 -23.27 -4.75
C ASP A 40 -18.62 -22.06 -4.07
N PHE A 41 -17.40 -21.69 -4.54
CA PHE A 41 -16.71 -20.51 -3.98
C PHE A 41 -17.53 -19.25 -4.18
N ARG A 42 -18.17 -19.10 -5.35
CA ARG A 42 -19.01 -17.92 -5.63
C ARG A 42 -20.13 -17.84 -4.59
N HIS A 43 -20.75 -18.97 -4.26
CA HIS A 43 -21.82 -18.98 -3.26
C HIS A 43 -21.26 -18.69 -1.86
N LEU A 44 -20.08 -19.24 -1.54
CA LEU A 44 -19.40 -18.96 -0.27
C LEU A 44 -19.06 -17.48 -0.14
N ARG A 45 -18.66 -16.88 -1.25
CA ARG A 45 -18.32 -15.46 -1.30
C ARG A 45 -19.55 -14.56 -1.22
N ASP A 46 -20.55 -14.80 -2.07
CA ASP A 46 -21.73 -13.93 -2.25
C ASP A 46 -22.85 -14.21 -1.28
N GLU A 47 -22.95 -15.43 -0.79
CA GLU A 47 -23.97 -15.79 0.20
C GLU A 47 -23.20 -16.08 1.48
N PHE A 48 -23.69 -16.98 2.35
CA PHE A 48 -22.99 -17.31 3.59
C PHE A 48 -22.52 -16.02 4.32
N PRO A 49 -23.47 -15.11 4.68
CA PRO A 49 -23.05 -13.81 5.23
C PRO A 49 -22.44 -13.89 6.62
N SER A 50 -22.56 -15.03 7.31
CA SER A 50 -21.97 -15.15 8.64
C SER A 50 -20.65 -15.92 8.63
N LEU A 51 -20.23 -16.39 7.46
CA LEU A 51 -19.03 -17.24 7.34
C LEU A 51 -17.75 -16.54 7.86
N LYS A 52 -17.15 -17.16 8.87
CA LYS A 52 -15.96 -16.64 9.54
C LYS A 52 -14.79 -17.56 9.32
N VAL A 53 -15.03 -18.88 9.36
CA VAL A 53 -13.98 -19.90 9.24
C VAL A 53 -14.40 -20.89 8.17
N LEU A 54 -13.56 -21.07 7.16
CA LEU A 54 -13.81 -22.04 6.11
C LEU A 54 -12.69 -23.08 6.14
N ASP A 55 -13.06 -24.34 6.43
CA ASP A 55 -12.10 -25.41 6.43
C ASP A 55 -12.35 -26.28 5.20
N ILE A 56 -11.49 -26.14 4.19
CA ILE A 56 -11.62 -26.95 2.97
C ILE A 56 -10.38 -27.82 2.85
N SER A 57 -9.74 -28.13 3.99
CA SER A 57 -8.50 -28.94 4.02
C SER A 57 -8.75 -30.40 3.57
N ASN A 58 -10.01 -30.87 3.63
CA ASN A 58 -10.33 -32.23 3.20
C ASN A 58 -11.32 -32.21 2.03
N ALA A 59 -11.26 -31.16 1.23
CA ALA A 59 -12.09 -31.04 0.05
C ALA A 59 -11.17 -30.97 -1.17
N GLU A 60 -11.67 -31.42 -2.30
CA GLU A 60 -10.91 -31.33 -3.53
C GLU A 60 -11.57 -30.30 -4.43
N ILE A 61 -10.76 -29.48 -5.10
CA ILE A 61 -11.29 -28.48 -6.01
C ILE A 61 -11.18 -29.05 -7.39
N LYS A 62 -12.33 -29.24 -8.04
CA LYS A 62 -12.44 -29.80 -9.37
C LYS A 62 -12.49 -28.69 -10.39
N MSE A 63 -11.97 -28.96 -11.57
CA MSE A 63 -11.96 -28.05 -12.71
C MSE A 63 -13.38 -27.66 -13.08
O MSE A 63 -14.30 -28.48 -13.03
CB MSE A 63 -11.26 -28.74 -13.89
CG MSE A 63 -11.07 -27.84 -15.11
SE MSE A 63 -10.31 -28.81 -16.65
CE MSE A 63 -8.88 -27.57 -17.07
N TYR A 64 -13.58 -26.41 -13.43
CA TYR A 64 -14.87 -25.90 -13.85
C TYR A 64 -14.64 -24.87 -14.95
N SER A 65 -15.46 -24.90 -15.98
CA SER A 65 -15.39 -23.97 -17.10
C SER A 65 -16.76 -23.37 -17.31
N GLY A 66 -16.85 -22.06 -17.19
CA GLY A 66 -18.15 -21.41 -17.37
C GLY A 66 -18.22 -19.99 -16.85
N LYS A 67 -19.46 -19.54 -16.68
CA LYS A 67 -19.84 -18.20 -16.29
C LYS A 67 -20.40 -18.13 -14.87
N ALA A 68 -20.54 -19.29 -14.18
CA ALA A 68 -21.11 -19.32 -12.83
C ALA A 68 -20.01 -19.39 -11.76
N GLY A 69 -18.77 -19.11 -12.14
CA GLY A 69 -17.65 -19.09 -11.21
C GLY A 69 -17.49 -17.75 -10.51
N THR A 70 -16.31 -17.54 -9.94
CA THR A 70 -16.01 -16.33 -9.14
C THR A 70 -15.44 -15.17 -9.95
N TYR A 71 -14.96 -15.41 -11.19
CA TYR A 71 -14.43 -14.32 -12.02
C TYR A 71 -15.50 -13.22 -12.16
N PRO A 72 -15.15 -11.94 -11.94
CA PRO A 72 -16.19 -10.90 -11.95
C PRO A 72 -16.92 -10.75 -13.27
N ASN A 73 -18.10 -10.15 -13.20
CA ASN A 73 -19.01 -9.77 -14.29
C ASN A 73 -19.49 -10.96 -15.16
N GLY A 74 -19.61 -12.14 -14.55
CA GLY A 74 -20.10 -13.36 -15.20
C GLY A 74 -19.37 -13.77 -16.46
N LYS A 75 -18.11 -13.38 -16.57
CA LYS A 75 -17.27 -13.68 -17.73
C LYS A 75 -16.93 -15.16 -17.75
N PHE A 76 -16.88 -15.77 -18.96
CA PHE A 76 -16.48 -17.16 -19.12
C PHE A 76 -15.05 -17.28 -18.65
N TYR A 77 -14.77 -18.31 -17.84
CA TYR A 77 -13.45 -18.51 -17.28
C TYR A 77 -13.22 -19.99 -17.04
N ILE A 78 -11.97 -20.43 -17.14
CA ILE A 78 -11.58 -21.82 -16.92
C ILE A 78 -10.86 -21.87 -15.60
N TYR A 79 -11.44 -22.59 -14.65
CA TYR A 79 -10.90 -22.74 -13.31
C TYR A 79 -10.31 -24.11 -13.19
N MSE A 80 -8.98 -24.19 -13.08
CA MSE A 80 -8.27 -25.47 -13.03
C MSE A 80 -8.52 -26.21 -11.75
O MSE A 80 -8.84 -25.61 -10.72
CB MSE A 80 -6.75 -25.28 -13.16
CG MSE A 80 -6.32 -24.53 -14.39
SE MSE A 80 -7.10 -25.31 -15.92
CE MSE A 80 -5.47 -25.43 -17.01
N ALA A 81 -8.34 -27.53 -11.80
CA ALA A 81 -8.45 -28.40 -10.64
C ALA A 81 -7.37 -28.00 -9.64
N ASN A 82 -7.65 -28.13 -8.32
CA ASN A 82 -6.66 -27.88 -7.26
C ASN A 82 -6.18 -26.42 -7.23
N PHE A 83 -7.01 -25.50 -7.78
CA PHE A 83 -6.72 -24.08 -7.73
C PHE A 83 -7.74 -23.40 -6.85
N VAL A 84 -7.31 -22.56 -5.88
CA VAL A 84 -8.23 -21.66 -5.18
C VAL A 84 -8.59 -20.67 -6.27
N PRO A 85 -9.86 -20.58 -6.67
CA PRO A 85 -10.18 -19.86 -7.91
C PRO A 85 -9.90 -18.38 -7.83
N ALA A 86 -9.66 -17.77 -8.99
CA ALA A 86 -9.44 -16.33 -9.09
C ALA A 86 -10.66 -15.62 -8.51
N TYR A 87 -10.43 -14.63 -7.63
CA TYR A 87 -11.48 -13.84 -6.98
C TYR A 87 -12.37 -14.73 -6.12
N ALA A 88 -11.83 -15.85 -5.58
CA ALA A 88 -12.61 -16.79 -4.75
C ALA A 88 -13.44 -16.06 -3.70
N PHE A 89 -12.84 -15.08 -3.00
CA PHE A 89 -13.52 -14.35 -1.94
C PHE A 89 -13.42 -12.86 -2.14
N SER A 90 -13.24 -12.45 -3.39
CA SER A 90 -13.12 -11.05 -3.75
C SER A 90 -14.00 -10.77 -4.93
N ASN A 91 -14.78 -9.75 -4.85
CA ASN A 91 -15.58 -9.39 -6.00
C ASN A 91 -15.26 -7.98 -6.40
N VAL A 92 -15.68 -7.59 -7.61
CA VAL A 92 -15.54 -6.23 -8.12
C VAL A 92 -16.96 -5.79 -8.41
N VAL A 93 -17.50 -4.90 -7.55
CA VAL A 93 -18.89 -4.44 -7.64
C VAL A 93 -18.87 -2.98 -8.09
N ASN A 94 -18.98 -2.75 -9.41
CA ASN A 94 -18.97 -1.42 -10.04
C ASN A 94 -17.64 -0.69 -9.82
N GLY A 95 -16.54 -1.38 -10.11
CA GLY A 95 -15.19 -0.84 -9.96
C GLY A 95 -14.60 -0.94 -8.57
N VAL A 96 -15.43 -1.20 -7.54
CA VAL A 96 -14.95 -1.29 -6.15
C VAL A 96 -14.73 -2.76 -5.77
N THR A 97 -13.54 -3.02 -5.19
CA THR A 97 -13.18 -4.32 -4.65
C THR A 97 -14.03 -4.53 -3.41
N LYS A 98 -14.70 -5.68 -3.36
CA LYS A 98 -15.53 -6.09 -2.23
C LYS A 98 -15.07 -7.49 -1.81
N GLY A 99 -14.25 -7.55 -0.76
CA GLY A 99 -13.75 -8.80 -0.23
C GLY A 99 -14.76 -9.33 0.78
N LYS A 100 -14.62 -10.61 1.19
CA LYS A 100 -15.54 -11.17 2.19
C LYS A 100 -15.03 -10.72 3.57
N GLN A 101 -15.66 -9.70 4.15
CA GLN A 101 -15.18 -9.08 5.39
C GLN A 101 -15.40 -9.92 6.65
N THR A 102 -16.29 -10.92 6.61
CA THR A 102 -16.49 -11.76 7.79
C THR A 102 -15.45 -12.88 7.85
N LEU A 103 -14.79 -13.19 6.73
CA LEU A 103 -13.86 -14.32 6.65
C LEU A 103 -12.57 -14.03 7.42
N GLU A 104 -12.35 -14.82 8.44
CA GLU A 104 -11.24 -14.64 9.34
C GLU A 104 -10.20 -15.72 9.20
N LYS A 105 -10.63 -16.93 8.82
CA LYS A 105 -9.71 -18.04 8.74
C LYS A 105 -10.08 -18.99 7.64
N VAL A 106 -9.10 -19.40 6.86
CA VAL A 106 -9.28 -20.40 5.81
C VAL A 106 -8.25 -21.48 6.06
N ILE A 107 -8.65 -22.74 5.80
CA ILE A 107 -7.77 -23.90 5.96
C ILE A 107 -7.78 -24.61 4.63
N LEU A 108 -6.63 -24.63 3.96
CA LEU A 108 -6.47 -25.21 2.63
C LEU A 108 -5.82 -26.58 2.70
N SER A 109 -6.16 -27.46 1.73
CA SER A 109 -5.61 -28.80 1.66
C SER A 109 -4.18 -28.86 1.14
N GLU A 110 -3.57 -30.04 1.26
CA GLU A 110 -2.25 -30.32 0.72
C GLU A 110 -2.30 -30.47 -0.81
N LYS A 111 -3.52 -30.57 -1.39
CA LYS A 111 -3.70 -30.72 -2.82
C LYS A 111 -3.75 -29.38 -3.57
N ILE A 112 -3.81 -28.25 -2.85
CA ILE A 112 -3.85 -26.94 -3.52
C ILE A 112 -2.56 -26.71 -4.29
N LYS A 113 -2.68 -26.42 -5.58
CA LYS A 113 -1.52 -26.17 -6.42
C LYS A 113 -1.30 -24.67 -6.56
N ASN A 114 -2.39 -23.92 -6.77
CA ASN A 114 -2.36 -22.48 -6.96
C ASN A 114 -3.41 -21.79 -6.16
N ILE A 115 -3.07 -20.58 -5.69
CA ILE A 115 -3.98 -19.64 -5.03
C ILE A 115 -4.03 -18.50 -6.03
N GLU A 116 -5.09 -18.48 -6.82
CA GLU A 116 -5.22 -17.64 -8.00
C GLU A 116 -5.47 -16.18 -7.69
N ASP A 117 -5.29 -15.34 -8.72
CA ASP A 117 -5.39 -13.89 -8.67
C ASP A 117 -6.50 -13.40 -7.78
N ALA A 118 -6.17 -12.50 -6.85
CA ALA A 118 -7.09 -11.80 -5.97
C ALA A 118 -8.04 -12.73 -5.20
N ALA A 119 -7.63 -13.98 -4.92
CA ALA A 119 -8.50 -14.94 -4.21
C ALA A 119 -9.02 -14.36 -2.90
N PHE A 120 -8.17 -13.64 -2.15
CA PHE A 120 -8.64 -13.07 -0.88
C PHE A 120 -8.44 -11.56 -0.83
N LYS A 121 -8.40 -10.91 -1.99
CA LYS A 121 -8.18 -9.46 -2.06
C LYS A 121 -9.35 -8.73 -1.39
N GLY A 122 -9.02 -7.81 -0.49
CA GLY A 122 -10.02 -7.04 0.24
C GLY A 122 -10.63 -7.81 1.39
N CYS A 123 -10.11 -9.00 1.72
CA CYS A 123 -10.60 -9.75 2.89
C CYS A 123 -9.78 -9.21 4.04
N ASP A 124 -10.17 -8.05 4.55
CA ASP A 124 -9.37 -7.32 5.53
C ASP A 124 -9.29 -7.96 6.92
N ASN A 125 -10.13 -8.94 7.18
CA ASN A 125 -10.15 -9.61 8.46
C ASN A 125 -9.63 -11.04 8.37
N LEU A 126 -9.01 -11.41 7.23
CA LEU A 126 -8.47 -12.74 7.07
C LEU A 126 -7.18 -12.84 7.86
N LYS A 127 -7.27 -13.21 9.12
CA LYS A 127 -6.09 -13.22 9.97
C LYS A 127 -5.26 -14.47 9.75
N ILE A 128 -5.90 -15.57 9.29
CA ILE A 128 -5.25 -16.85 9.14
C ILE A 128 -5.52 -17.45 7.79
N CYS A 129 -4.45 -17.89 7.17
CA CYS A 129 -4.54 -18.78 6.03
C CYS A 129 -3.70 -19.96 6.42
N GLN A 130 -4.35 -21.05 6.80
CA GLN A 130 -3.66 -22.25 7.24
C GLN A 130 -3.59 -23.20 6.07
N ILE A 131 -2.37 -23.58 5.68
CA ILE A 131 -2.18 -24.44 4.50
C ILE A 131 -1.56 -25.74 4.94
N ARG A 132 -2.23 -26.86 4.65
CA ARG A 132 -1.77 -28.19 5.10
C ARG A 132 -0.64 -28.75 4.22
N LYS A 133 -0.28 -28.05 3.13
CA LYS A 133 0.77 -28.44 2.21
C LYS A 133 2.15 -28.18 2.80
N LYS A 134 3.09 -29.14 2.65
CA LYS A 134 4.46 -29.05 3.15
C LYS A 134 5.29 -28.03 2.36
N THR A 135 4.86 -27.69 1.14
CA THR A 135 5.54 -26.71 0.29
C THR A 135 4.51 -25.64 -0.09
N ALA A 136 4.96 -24.45 -0.43
CA ALA A 136 4.02 -23.40 -0.78
C ALA A 136 3.34 -23.66 -2.14
N PRO A 137 2.02 -23.48 -2.22
CA PRO A 137 1.40 -23.51 -3.55
C PRO A 137 1.81 -22.24 -4.31
N ASN A 138 1.54 -22.17 -5.61
CA ASN A 138 1.80 -20.93 -6.35
C ASN A 138 0.85 -19.84 -5.84
N LEU A 139 1.39 -18.64 -5.58
CA LEU A 139 0.59 -17.51 -5.09
C LEU A 139 0.58 -16.48 -6.17
N LEU A 140 -0.62 -16.17 -6.64
CA LEU A 140 -0.79 -15.25 -7.75
C LEU A 140 -1.03 -13.83 -7.23
N PRO A 141 -0.91 -12.81 -8.11
CA PRO A 141 -1.01 -11.41 -7.64
C PRO A 141 -2.29 -11.06 -6.89
N GLU A 142 -2.10 -10.36 -5.75
CA GLU A 142 -3.14 -9.86 -4.84
C GLU A 142 -3.98 -10.99 -4.20
N ALA A 143 -3.55 -12.28 -4.32
CA ALA A 143 -4.30 -13.41 -3.76
C ALA A 143 -4.34 -13.36 -2.23
N LEU A 144 -3.21 -13.02 -1.58
CA LEU A 144 -3.05 -12.89 -0.14
C LEU A 144 -2.26 -11.62 0.14
N ALA A 145 -2.55 -10.93 1.25
CA ALA A 145 -1.85 -9.68 1.64
C ALA A 145 -1.01 -9.97 2.88
N ASP A 146 0.33 -9.86 2.74
CA ASP A 146 1.25 -10.16 3.85
C ASP A 146 1.14 -9.13 4.98
N SER A 147 0.44 -8.01 4.77
CA SER A 147 0.23 -7.02 5.83
C SER A 147 -1.04 -7.38 6.62
N VAL A 148 -1.77 -8.44 6.20
CA VAL A 148 -3.05 -8.75 6.81
C VAL A 148 -3.06 -10.15 7.40
N THR A 149 -2.63 -11.13 6.61
CA THR A 149 -2.79 -12.53 6.92
C THR A 149 -1.51 -13.24 7.27
N ALA A 150 -1.53 -13.99 8.38
CA ALA A 150 -0.44 -14.86 8.86
C ALA A 150 -0.67 -16.24 8.24
N ILE A 151 0.41 -16.90 7.82
CA ILE A 151 0.30 -18.19 7.16
C ILE A 151 0.71 -19.27 8.13
N PHE A 152 -0.20 -20.21 8.38
CA PHE A 152 0.04 -21.32 9.31
C PHE A 152 0.33 -22.52 8.48
N ILE A 153 1.51 -23.08 8.71
CA ILE A 153 2.07 -24.12 7.87
C ILE A 153 2.54 -25.32 8.71
N PRO A 154 2.75 -26.48 8.08
CA PRO A 154 3.21 -27.65 8.84
C PRO A 154 4.59 -27.45 9.46
N LEU A 155 4.83 -28.19 10.54
CA LEU A 155 6.11 -28.22 11.25
C LEU A 155 7.23 -28.55 10.26
N GLY A 156 8.29 -27.74 10.25
CA GLY A 156 9.46 -27.91 9.40
C GLY A 156 9.32 -27.42 7.98
N SER A 157 8.22 -26.71 7.65
CA SER A 157 7.93 -26.22 6.30
C SER A 157 8.38 -24.79 5.99
N SER A 158 8.81 -23.99 6.99
CA SER A 158 9.18 -22.57 6.79
C SER A 158 10.06 -22.32 5.56
N ASP A 159 11.11 -23.14 5.35
CA ASP A 159 12.02 -23.01 4.21
C ASP A 159 11.37 -23.37 2.87
N ALA A 160 10.33 -24.20 2.86
CA ALA A 160 9.63 -24.56 1.62
C ALA A 160 8.51 -23.51 1.29
N TYR A 161 8.42 -22.46 2.11
CA TYR A 161 7.46 -21.38 1.90
C TYR A 161 8.13 -20.02 1.69
N ARG A 162 8.99 -19.62 2.64
CA ARG A 162 9.54 -18.28 2.70
C ARG A 162 10.40 -17.83 1.51
N PHE A 163 10.88 -18.75 0.67
CA PHE A 163 11.71 -18.40 -0.48
C PHE A 163 10.92 -18.47 -1.79
N LYS A 164 9.65 -18.90 -1.74
CA LYS A 164 8.84 -18.98 -2.94
C LYS A 164 8.35 -17.58 -3.37
N ASN A 165 8.33 -17.34 -4.68
CA ASN A 165 7.92 -16.08 -5.30
C ASN A 165 6.55 -15.60 -4.77
N ARG A 166 6.52 -14.36 -4.24
CA ARG A 166 5.38 -13.63 -3.65
C ARG A 166 5.09 -14.03 -2.19
N TRP A 167 5.78 -15.05 -1.66
CA TRP A 167 5.58 -15.48 -0.27
C TRP A 167 6.60 -14.92 0.71
N GLU A 168 7.67 -14.31 0.19
CA GLU A 168 8.83 -13.87 0.95
C GLU A 168 8.56 -13.05 2.22
N HIS A 169 7.53 -12.21 2.26
CA HIS A 169 7.38 -11.35 3.45
C HIS A 169 6.19 -11.70 4.36
N PHE A 170 5.57 -12.87 4.19
CA PHE A 170 4.48 -13.26 5.08
C PHE A 170 4.99 -13.66 6.44
N ALA A 171 4.17 -13.47 7.45
CA ALA A 171 4.39 -13.99 8.79
C ALA A 171 4.08 -15.47 8.67
N PHE A 172 5.10 -16.35 8.80
CA PHE A 172 4.88 -17.80 8.72
C PHE A 172 4.95 -18.39 10.10
N ILE A 173 3.91 -19.10 10.51
CA ILE A 173 3.94 -19.71 11.85
C ILE A 173 3.70 -21.18 11.63
N GLU A 174 4.60 -22.01 12.13
CA GLU A 174 4.46 -23.44 12.00
C GLU A 174 3.51 -23.96 13.06
N GLY A 175 2.70 -24.93 12.69
CA GLY A 175 1.75 -25.53 13.61
C GLY A 175 0.39 -24.88 13.51
N GLU A 176 -0.41 -25.08 14.56
CA GLU A 176 -1.80 -24.64 14.61
C GLU A 176 -1.95 -23.22 15.08
N PRO A 177 -2.89 -22.46 14.47
CA PRO A 177 -3.17 -21.11 14.97
C PRO A 177 -3.91 -21.19 16.29
N LEU A 178 -3.62 -20.27 17.20
CA LEU A 178 -4.32 -20.23 18.46
C LEU A 178 -4.80 -18.82 18.71
N GLU A 179 -6.13 -18.68 18.73
CA GLU A 179 -6.78 -17.42 19.04
C GLU A 179 -7.46 -17.58 20.38
N THR A 180 -7.26 -16.61 21.28
CA THR A 180 -7.89 -16.72 22.59
C THR A 180 -8.18 -15.36 23.20
N THR A 181 -9.17 -15.34 24.08
CA THR A 181 -9.56 -14.17 24.87
C THR A 181 -9.37 -14.58 26.30
N ILE A 182 -8.58 -13.81 27.04
CA ILE A 182 -8.26 -14.10 28.43
C ILE A 182 -8.80 -12.99 29.30
N GLN A 183 -9.56 -13.37 30.32
CA GLN A 183 -10.13 -12.49 31.35
C GLN A 183 -9.20 -12.47 32.55
N VAL A 184 -8.69 -11.30 32.94
CA VAL A 184 -7.78 -11.24 34.10
C VAL A 184 -8.40 -10.34 35.16
N GLY A 185 -8.69 -10.91 36.32
CA GLY A 185 -9.26 -10.21 37.48
C GLY A 185 -8.23 -9.31 38.13
N ALA A 186 -8.70 -8.35 38.96
CA ALA A 186 -7.88 -7.33 39.65
C ALA A 186 -6.70 -7.94 40.44
N MSE A 187 -6.86 -9.14 41.00
CA MSE A 187 -5.83 -9.83 41.77
C MSE A 187 -5.30 -11.09 41.03
O MSE A 187 -4.54 -11.88 41.59
CB MSE A 187 -6.39 -10.19 43.17
CG MSE A 187 -5.56 -9.65 44.35
SE MSE A 187 -5.32 -7.70 44.38
CE MSE A 187 -3.95 -7.63 45.77
N GLY A 188 -5.70 -11.24 39.77
CA GLY A 188 -5.29 -12.35 38.93
C GLY A 188 -3.96 -12.13 38.23
N LYS A 189 -3.54 -13.15 37.47
CA LYS A 189 -2.29 -13.15 36.70
C LYS A 189 -2.56 -13.68 35.32
N LEU A 190 -2.09 -12.97 34.29
CA LEU A 190 -2.27 -13.41 32.90
C LEU A 190 -1.74 -14.85 32.72
N GLU A 191 -0.56 -15.14 33.30
CA GLU A 191 0.10 -16.45 33.22
C GLU A 191 -0.81 -17.55 33.78
N ASP A 192 -1.43 -17.31 34.95
CA ASP A 192 -2.32 -18.26 35.61
C ASP A 192 -3.61 -18.43 34.84
N GLU A 193 -4.15 -17.33 34.27
CA GLU A 193 -5.40 -17.38 33.50
C GLU A 193 -5.19 -18.14 32.19
N ILE A 194 -4.00 -18.01 31.57
CA ILE A 194 -3.66 -18.75 30.35
C ILE A 194 -3.60 -20.25 30.69
N MSE A 195 -2.93 -20.61 31.80
N MSE A 195 -2.94 -20.60 31.80
CA MSE A 195 -2.81 -21.98 32.29
CA MSE A 195 -2.80 -21.97 32.31
C MSE A 195 -4.19 -22.60 32.60
C MSE A 195 -4.18 -22.60 32.62
O MSE A 195 -4.42 -23.77 32.29
O MSE A 195 -4.39 -23.77 32.32
CB MSE A 195 -1.93 -22.03 33.54
CB MSE A 195 -1.94 -21.98 33.58
CG MSE A 195 -1.34 -23.42 33.80
CG MSE A 195 -1.29 -23.33 33.87
SE MSE A 195 -0.63 -23.57 35.60
SE MSE A 195 0.26 -23.10 35.05
CE MSE A 195 0.17 -25.37 35.49
CE MSE A 195 1.46 -22.08 33.86
N LYS A 196 -5.12 -21.80 33.19
CA LYS A 196 -6.48 -22.24 33.53
C LYS A 196 -7.29 -22.49 32.26
N ALA A 197 -6.99 -21.76 31.17
CA ALA A 197 -7.66 -21.93 29.87
C ALA A 197 -7.13 -23.20 29.16
N GLY A 198 -6.12 -23.84 29.75
CA GLY A 198 -5.49 -25.05 29.22
C GLY A 198 -4.52 -24.74 28.10
N LEU A 199 -3.98 -23.51 28.09
CA LEU A 199 -3.08 -23.07 27.02
C LEU A 199 -1.65 -22.82 27.48
N GLN A 200 -0.74 -22.74 26.50
CA GLN A 200 0.67 -22.41 26.72
C GLN A 200 0.91 -21.03 26.14
N PRO A 201 1.51 -20.08 26.89
CA PRO A 201 1.74 -18.72 26.33
C PRO A 201 2.45 -18.71 24.98
N ARG A 202 3.47 -19.55 24.78
CA ARG A 202 4.22 -19.62 23.52
C ARG A 202 3.33 -19.97 22.30
N ASP A 203 2.24 -20.70 22.52
CA ASP A 203 1.36 -21.12 21.43
C ASP A 203 0.43 -20.02 20.98
N ILE A 204 0.24 -18.97 21.79
CA ILE A 204 -0.73 -17.91 21.49
C ILE A 204 -0.30 -17.01 20.31
N ASN A 205 -1.20 -16.91 19.33
CA ASN A 205 -0.99 -16.10 18.14
C ASN A 205 -1.91 -14.91 18.13
N PHE A 206 -3.17 -15.08 18.50
CA PHE A 206 -4.14 -13.99 18.47
C PHE A 206 -4.70 -13.86 19.87
N LEU A 207 -4.32 -12.79 20.57
CA LEU A 207 -4.72 -12.63 21.95
C LEU A 207 -5.53 -11.40 22.20
N THR A 208 -6.61 -11.58 22.94
CA THR A 208 -7.40 -10.51 23.46
C THR A 208 -7.33 -10.62 24.96
N ILE A 209 -6.95 -9.55 25.61
CA ILE A 209 -6.92 -9.52 27.08
C ILE A 209 -7.94 -8.52 27.52
N GLU A 210 -8.72 -8.90 28.52
CA GLU A 210 -9.72 -8.02 29.12
C GLU A 210 -9.49 -8.03 30.63
N GLY A 211 -9.60 -6.86 31.23
CA GLY A 211 -9.49 -6.72 32.69
C GLY A 211 -8.19 -6.08 33.15
N LYS A 212 -7.47 -6.78 34.02
CA LYS A 212 -6.23 -6.27 34.60
C LYS A 212 -5.01 -6.67 33.79
N LEU A 213 -4.13 -5.70 33.57
CA LEU A 213 -2.86 -5.88 32.90
C LEU A 213 -1.82 -5.07 33.63
N ASP A 214 -0.83 -5.71 34.21
CA ASP A 214 0.25 -5.05 34.94
C ASP A 214 1.63 -5.44 34.34
N ASN A 215 2.71 -4.94 34.95
CA ASN A 215 4.10 -5.16 34.52
C ASN A 215 4.48 -6.64 34.43
N ALA A 216 4.09 -7.49 35.40
CA ALA A 216 4.39 -8.92 35.36
C ALA A 216 3.67 -9.59 34.18
N ASP A 217 2.44 -9.15 33.88
CA ASP A 217 1.70 -9.71 32.74
C ASP A 217 2.37 -9.31 31.44
N PHE A 218 2.86 -8.05 31.33
CA PHE A 218 3.57 -7.62 30.14
C PHE A 218 4.90 -8.38 29.95
N LYS A 219 5.57 -8.74 31.05
CA LYS A 219 6.82 -9.52 31.00
C LYS A 219 6.55 -10.91 30.39
N LEU A 220 5.37 -11.51 30.71
CA LEU A 220 4.98 -12.78 30.10
C LEU A 220 4.80 -12.61 28.58
N ILE A 221 4.19 -11.51 28.17
CA ILE A 221 3.98 -11.23 26.74
C ILE A 221 5.34 -10.98 26.08
N ARG A 222 6.19 -10.20 26.73
N ARG A 222 6.20 -10.19 26.75
CA ARG A 222 7.48 -9.88 26.17
CA ARG A 222 7.53 -9.81 26.29
C ARG A 222 8.35 -11.15 26.00
C ARG A 222 8.44 -11.05 26.09
N ASP A 223 8.44 -12.00 27.04
CA ASP A 223 9.34 -13.13 26.99
C ASP A 223 8.79 -14.46 26.54
N TYR A 224 7.47 -14.70 26.61
CA TYR A 224 6.98 -16.04 26.31
C TYR A 224 5.91 -16.10 25.24
N MSE A 225 5.84 -15.09 24.36
CA MSE A 225 4.88 -15.04 23.26
CA MSE A 225 4.87 -15.07 23.28
C MSE A 225 5.55 -14.63 21.97
O MSE A 225 5.24 -13.57 21.41
CB MSE A 225 3.73 -14.10 23.60
CB MSE A 225 3.67 -14.18 23.67
CG MSE A 225 2.52 -14.85 24.08
CG MSE A 225 2.80 -14.84 24.76
SE MSE A 225 1.16 -13.67 24.65
SE MSE A 225 1.40 -13.76 25.53
CE MSE A 225 1.14 -14.18 26.56
CE MSE A 225 0.68 -13.16 23.93
N PRO A 226 6.52 -15.44 21.47
CA PRO A 226 7.24 -15.02 20.26
C PRO A 226 6.39 -15.06 18.99
N ASN A 227 5.31 -15.85 18.99
CA ASN A 227 4.47 -16.05 17.81
C ASN A 227 3.19 -15.25 17.88
N LEU A 228 3.18 -14.15 18.66
CA LEU A 228 2.06 -13.23 18.76
C LEU A 228 1.91 -12.46 17.45
N VAL A 229 0.74 -12.58 16.81
CA VAL A 229 0.44 -11.93 15.54
C VAL A 229 -0.42 -10.71 15.78
N SER A 230 -1.34 -10.83 16.71
CA SER A 230 -2.28 -9.78 17.00
C SER A 230 -2.53 -9.70 18.46
N LEU A 231 -2.57 -8.46 18.99
CA LEU A 231 -2.84 -8.29 20.41
C LEU A 231 -3.88 -7.21 20.63
N ASP A 232 -4.96 -7.55 21.31
CA ASP A 232 -5.99 -6.56 21.65
C ASP A 232 -6.02 -6.45 23.14
N ILE A 233 -5.47 -5.33 23.64
CA ILE A 233 -5.45 -5.06 25.09
C ILE A 233 -6.17 -3.74 25.37
N SER A 234 -7.08 -3.35 24.48
CA SER A 234 -7.82 -2.10 24.65
C SER A 234 -8.68 -2.11 25.92
N LYS A 235 -9.33 -3.26 26.21
CA LYS A 235 -10.22 -3.41 27.36
CA LYS A 235 -10.21 -3.40 27.36
C LYS A 235 -9.45 -3.83 28.63
N THR A 236 -8.29 -3.23 28.88
CA THR A 236 -7.47 -3.49 30.06
C THR A 236 -7.21 -2.18 30.76
N ASN A 237 -6.89 -2.23 32.06
CA ASN A 237 -6.64 -1.02 32.85
C ASN A 237 -5.16 -0.59 32.83
N ALA A 238 -4.28 -1.23 32.02
CA ALA A 238 -2.84 -0.86 31.98
C ALA A 238 -2.65 0.58 31.63
N THR A 239 -1.80 1.27 32.40
CA THR A 239 -1.51 2.68 32.13
C THR A 239 -0.09 2.81 31.61
N THR A 240 0.72 1.73 31.64
CA THR A 240 2.09 1.78 31.13
C THR A 240 2.39 0.52 30.35
N ILE A 241 3.21 0.64 29.32
CA ILE A 241 3.73 -0.51 28.60
C ILE A 241 5.21 -0.49 28.93
N PRO A 242 5.68 -1.46 29.70
CA PRO A 242 7.09 -1.49 30.10
C PRO A 242 8.05 -1.60 28.92
N ASP A 243 9.29 -1.18 29.14
CA ASP A 243 10.36 -1.17 28.14
C ASP A 243 10.47 -2.48 27.39
N PHE A 244 10.69 -2.41 26.06
CA PHE A 244 10.97 -3.57 25.19
C PHE A 244 9.84 -4.62 25.11
N THR A 245 8.63 -4.31 25.59
CA THR A 245 7.55 -5.32 25.66
C THR A 245 7.30 -5.98 24.31
N PHE A 246 7.23 -5.20 23.24
CA PHE A 246 6.96 -5.80 21.92
C PHE A 246 8.18 -5.75 21.03
N ALA A 247 9.37 -5.60 21.63
CA ALA A 247 10.60 -5.54 20.85
C ALA A 247 10.92 -6.89 20.15
N GLN A 248 10.63 -8.03 20.78
CA GLN A 248 10.99 -9.30 20.10
C GLN A 248 9.73 -9.89 19.42
N LYS A 249 9.06 -9.09 18.53
CA LYS A 249 7.76 -9.52 17.98
C LYS A 249 7.78 -9.51 16.45
N LYS A 250 8.46 -10.51 15.89
CA LYS A 250 8.66 -10.70 14.46
C LYS A 250 7.35 -10.83 13.65
N TYR A 251 6.28 -11.36 14.26
CA TYR A 251 5.03 -11.66 13.53
C TYR A 251 3.88 -10.74 13.90
N LEU A 252 4.14 -9.73 14.75
CA LEU A 252 3.12 -8.82 15.24
C LEU A 252 2.63 -7.90 14.13
N LEU A 253 1.39 -8.15 13.69
CA LEU A 253 0.74 -7.42 12.62
C LEU A 253 -0.22 -6.34 13.13
N LYS A 254 -0.76 -6.51 14.33
CA LYS A 254 -1.79 -5.62 14.82
C LYS A 254 -1.78 -5.55 16.33
N ILE A 255 -1.98 -4.36 16.85
CA ILE A 255 -2.08 -4.13 18.27
C ILE A 255 -3.15 -3.07 18.53
N LYS A 256 -3.98 -3.30 19.55
CA LYS A 256 -4.96 -2.33 20.04
C LYS A 256 -4.52 -2.02 21.45
N LEU A 257 -4.03 -0.81 21.70
CA LEU A 257 -3.45 -0.38 22.99
C LEU A 257 -4.48 -0.19 24.10
N PRO A 258 -4.06 -0.29 25.40
CA PRO A 258 -5.01 -0.12 26.50
C PRO A 258 -5.70 1.22 26.43
N HIS A 259 -7.03 1.23 26.62
CA HIS A 259 -7.85 2.45 26.46
C HIS A 259 -7.43 3.62 27.36
N ASN A 260 -6.75 3.35 28.48
CA ASN A 260 -6.33 4.40 29.41
C ASN A 260 -4.80 4.50 29.53
N LEU A 261 -4.10 4.03 28.51
CA LEU A 261 -2.63 4.04 28.48
C LEU A 261 -2.07 5.46 28.71
N LYS A 262 -1.09 5.59 29.62
CA LYS A 262 -0.41 6.87 29.84
C LYS A 262 1.00 6.87 29.33
N THR A 263 1.74 5.78 29.53
CA THR A 263 3.16 5.78 29.18
C THR A 263 3.54 4.64 28.27
N ILE A 264 4.29 4.96 27.22
CA ILE A 264 4.88 3.95 26.36
C ILE A 264 6.35 3.93 26.73
N GLY A 265 6.83 2.81 27.20
CA GLY A 265 8.20 2.69 27.65
C GLY A 265 9.22 2.74 26.52
N GLN A 266 10.47 2.63 26.92
CA GLN A 266 11.59 2.62 26.00
C GLN A 266 11.50 1.45 25.03
N ARG A 267 11.68 1.73 23.73
CA ARG A 267 11.80 0.69 22.70
C ARG A 267 10.70 -0.36 22.76
N VAL A 268 9.49 0.07 23.15
CA VAL A 268 8.38 -0.86 23.28
C VAL A 268 8.06 -1.51 21.96
N PHE A 269 8.12 -0.77 20.87
CA PHE A 269 7.81 -1.37 19.57
C PHE A 269 9.04 -1.52 18.72
N SER A 270 10.19 -1.63 19.37
CA SER A 270 11.46 -1.77 18.68
C SER A 270 11.42 -2.97 17.73
N ASN A 271 11.73 -2.73 16.45
CA ASN A 271 11.74 -3.74 15.39
C ASN A 271 10.37 -4.41 15.16
N CYS A 272 9.27 -3.64 15.33
CA CYS A 272 7.95 -4.16 14.95
C CYS A 272 7.66 -3.69 13.52
N GLY A 273 8.39 -4.32 12.60
CA GLY A 273 8.38 -4.00 11.17
C GLY A 273 7.14 -4.32 10.37
N ARG A 274 6.16 -5.04 10.96
CA ARG A 274 4.93 -5.40 10.25
C ARG A 274 3.77 -4.44 10.56
N LEU A 275 3.90 -3.59 11.60
CA LEU A 275 2.86 -2.62 11.94
C LEU A 275 2.77 -1.60 10.80
N ALA A 276 1.54 -1.30 10.32
CA ALA A 276 1.39 -0.43 9.16
C ALA A 276 0.37 0.66 9.37
N GLY A 277 0.32 1.55 8.40
CA GLY A 277 -0.60 2.67 8.40
C GLY A 277 -0.36 3.53 9.63
N THR A 278 -1.45 3.83 10.32
CA THR A 278 -1.44 4.70 11.46
C THR A 278 -1.71 3.93 12.75
N LEU A 279 -0.80 4.05 13.73
CA LEU A 279 -1.02 3.48 15.06
C LEU A 279 -1.69 4.56 15.89
N GLU A 280 -2.88 4.27 16.39
CA GLU A 280 -3.64 5.23 17.17
C GLU A 280 -3.32 5.11 18.65
N LEU A 281 -3.00 6.24 19.26
CA LEU A 281 -2.71 6.26 20.67
C LEU A 281 -3.92 6.73 21.41
N PRO A 282 -4.23 6.07 22.55
CA PRO A 282 -5.30 6.57 23.41
C PRO A 282 -5.02 8.03 23.78
N ALA A 283 -6.06 8.84 24.03
CA ALA A 283 -5.95 10.27 24.37
C ALA A 283 -5.22 10.50 25.69
N SER A 284 -5.13 9.48 26.52
CA SER A 284 -4.50 9.58 27.84
C SER A 284 -2.96 9.52 27.80
N VAL A 285 -2.36 9.17 26.65
CA VAL A 285 -0.89 9.04 26.56
C VAL A 285 -0.21 10.38 26.89
N THR A 286 0.66 10.39 27.89
CA THR A 286 1.38 11.61 28.28
C THR A 286 2.88 11.48 28.04
N ALA A 287 3.36 10.23 27.87
CA ALA A 287 4.80 10.01 27.70
C ALA A 287 5.09 8.88 26.74
N ILE A 288 6.03 9.12 25.83
CA ILE A 288 6.54 8.11 24.90
C ILE A 288 8.04 8.16 25.10
N GLU A 289 8.62 7.06 25.59
CA GLU A 289 10.02 7.07 25.96
C GLU A 289 10.93 6.69 24.81
N PHE A 290 12.24 6.87 25.05
CA PHE A 290 13.35 6.63 24.11
C PHE A 290 13.09 5.49 23.12
N GLY A 291 13.22 5.81 21.85
CA GLY A 291 13.14 4.87 20.73
C GLY A 291 11.98 3.90 20.71
N ALA A 292 10.80 4.35 21.19
CA ALA A 292 9.62 3.50 21.27
C ALA A 292 9.23 2.87 19.94
N PHE A 293 9.46 3.55 18.81
CA PHE A 293 9.05 3.02 17.49
C PHE A 293 10.24 2.82 16.54
N MSE A 294 11.46 2.61 17.08
CA MSE A 294 12.64 2.32 16.24
C MSE A 294 12.42 1.02 15.45
O MSE A 294 11.92 0.04 16.02
CB MSE A 294 13.88 2.13 17.08
CG MSE A 294 14.31 3.33 17.81
SE MSE A 294 15.99 2.85 18.69
CE MSE A 294 17.05 4.22 17.90
N GLY A 295 12.80 1.01 14.19
CA GLY A 295 12.63 -0.19 13.37
C GLY A 295 11.21 -0.52 12.95
N CYS A 296 10.21 0.37 13.20
CA CYS A 296 8.84 0.17 12.69
C CYS A 296 8.78 0.82 11.30
N ASP A 297 9.51 0.22 10.37
CA ASP A 297 9.72 0.70 9.00
C ASP A 297 8.45 0.78 8.19
N ASN A 298 7.49 -0.10 8.44
CA ASN A 298 6.24 -0.08 7.72
C ASN A 298 5.19 0.84 8.37
N LEU A 299 5.47 1.36 9.57
CA LEU A 299 4.51 2.22 10.25
C LEU A 299 4.55 3.60 9.62
N ARG A 300 3.41 4.12 9.15
CA ARG A 300 3.43 5.43 8.49
C ARG A 300 3.28 6.54 9.52
N TYR A 301 2.38 6.37 10.47
CA TYR A 301 2.13 7.41 11.46
C TYR A 301 1.80 6.85 12.79
N VAL A 302 2.02 7.68 13.81
CA VAL A 302 1.59 7.43 15.17
C VAL A 302 0.68 8.59 15.45
N LEU A 303 -0.60 8.30 15.60
CA LEU A 303 -1.60 9.35 15.80
C LEU A 303 -1.96 9.52 17.27
N ALA A 304 -1.59 10.67 17.82
CA ALA A 304 -1.94 11.04 19.18
C ALA A 304 -3.35 11.64 19.14
N THR A 305 -4.31 10.98 19.79
CA THR A 305 -5.72 11.38 19.72
C THR A 305 -6.08 12.35 20.82
N GLY A 306 -5.13 12.60 21.73
CA GLY A 306 -5.32 13.54 22.81
C GLY A 306 -4.27 14.63 22.74
N ASP A 307 -4.35 15.59 23.65
CA ASP A 307 -3.42 16.71 23.74
C ASP A 307 -2.65 16.62 25.07
N LYS A 308 -2.48 15.40 25.60
CA LYS A 308 -1.86 15.16 26.90
C LYS A 308 -0.37 14.81 26.80
N ILE A 309 0.19 14.56 25.61
CA ILE A 309 1.63 14.23 25.54
C ILE A 309 2.48 15.42 25.97
N THR A 310 3.28 15.21 27.02
CA THR A 310 4.17 16.22 27.59
C THR A 310 5.62 15.73 27.53
N THR A 311 5.82 14.41 27.41
CA THR A 311 7.16 13.84 27.41
C THR A 311 7.38 12.98 26.19
N LEU A 312 8.30 13.40 25.31
CA LEU A 312 8.70 12.61 24.16
C LEU A 312 10.17 12.33 24.28
N GLY A 313 10.54 11.06 24.38
CA GLY A 313 11.94 10.68 24.48
C GLY A 313 12.66 10.89 23.16
N ASP A 314 13.97 10.65 23.13
CA ASP A 314 14.78 10.83 21.93
C ASP A 314 14.60 9.70 20.96
N GLU A 315 15.03 9.90 19.69
CA GLU A 315 15.05 8.92 18.60
C GLU A 315 13.83 7.99 18.62
N LEU A 316 12.62 8.56 18.77
CA LEU A 316 11.40 7.77 18.84
C LEU A 316 11.21 6.91 17.63
N PHE A 317 11.70 7.35 16.46
CA PHE A 317 11.44 6.62 15.22
C PHE A 317 12.68 6.08 14.57
N GLY A 318 13.80 6.13 15.28
CA GLY A 318 15.09 5.70 14.76
C GLY A 318 15.87 6.87 14.22
N ASN A 319 17.19 6.67 13.98
CA ASN A 319 18.13 7.66 13.50
C ASN A 319 17.76 8.29 12.17
N GLY A 320 17.77 9.61 12.14
CA GLY A 320 17.50 10.38 10.93
C GLY A 320 16.14 10.19 10.29
N VAL A 321 15.21 9.51 11.01
CA VAL A 321 13.86 9.26 10.52
C VAL A 321 12.99 10.48 10.87
N PRO A 322 12.29 11.11 9.90
CA PRO A 322 11.37 12.22 10.27
C PRO A 322 10.30 11.70 11.24
N SER A 323 9.90 12.53 12.21
CA SER A 323 8.88 12.14 13.18
C SER A 323 7.61 11.67 12.47
N LYS A 324 7.05 10.55 12.95
CA LYS A 324 5.81 10.00 12.37
C LYS A 324 4.64 10.39 13.24
N LEU A 325 4.90 11.20 14.25
CA LEU A 325 3.90 11.59 15.22
C LEU A 325 3.02 12.68 14.67
N ILE A 326 1.73 12.42 14.65
CA ILE A 326 0.71 13.37 14.19
C ILE A 326 -0.37 13.45 15.26
N TYR A 327 -1.14 14.53 15.23
CA TYR A 327 -2.14 14.80 16.26
C TYR A 327 -3.49 15.06 15.65
N LYS A 328 -4.53 14.62 16.35
CA LYS A 328 -5.92 14.79 15.99
C LYS A 328 -6.36 16.22 16.38
N LYS A 329 -5.65 16.82 17.38
CA LYS A 329 -5.74 18.18 17.99
C LYS A 329 -7.11 18.87 17.73
N GLN B 2 22.63 18.92 -15.16
CA GLN B 2 22.05 18.02 -16.15
C GLN B 2 23.12 17.37 -17.02
N VAL B 3 23.18 16.05 -17.00
CA VAL B 3 24.10 15.24 -17.80
C VAL B 3 23.30 14.22 -18.62
N SER B 4 23.25 14.43 -19.94
CA SER B 4 22.55 13.56 -20.87
C SER B 4 23.50 12.67 -21.62
N LYS B 5 23.25 11.36 -21.60
N LYS B 5 23.24 11.36 -21.60
CA LYS B 5 24.07 10.38 -22.30
CA LYS B 5 24.06 10.37 -22.30
C LYS B 5 23.20 9.32 -22.96
C LYS B 5 23.18 9.33 -22.97
N THR B 6 23.64 8.83 -24.13
CA THR B 6 23.00 7.78 -24.90
C THR B 6 24.01 6.64 -25.07
N TYR B 7 23.59 5.40 -24.82
CA TYR B 7 24.43 4.23 -25.05
C TYR B 7 23.68 3.18 -25.78
N TYR B 8 24.37 2.58 -26.74
CA TYR B 8 23.86 1.42 -27.42
C TYR B 8 24.45 0.24 -26.69
N VAL B 9 23.59 -0.59 -26.11
CA VAL B 9 24.06 -1.76 -25.36
C VAL B 9 23.97 -2.94 -26.30
N SER B 10 25.12 -3.41 -26.77
CA SER B 10 25.24 -4.51 -27.71
C SER B 10 24.85 -5.83 -27.05
N LYS B 11 25.34 -6.06 -25.82
CA LYS B 11 25.12 -7.31 -25.11
C LYS B 11 24.41 -7.01 -23.79
N PRO B 12 23.30 -7.70 -23.49
CA PRO B 12 22.59 -7.42 -22.22
C PRO B 12 23.45 -7.71 -20.99
N GLY B 13 23.33 -6.85 -19.98
CA GLY B 13 24.08 -6.99 -18.73
C GLY B 13 25.44 -6.32 -18.75
N THR B 14 25.82 -5.68 -19.89
CA THR B 14 27.13 -5.03 -20.04
C THR B 14 27.04 -3.48 -20.03
N LEU B 15 25.88 -2.90 -19.71
CA LEU B 15 25.80 -1.44 -19.67
C LEU B 15 26.89 -0.79 -18.79
N ILE B 16 27.13 -1.25 -17.55
CA ILE B 16 28.12 -0.57 -16.67
C ILE B 16 29.54 -0.65 -17.18
N SER B 17 29.82 -1.52 -18.16
CA SER B 17 31.17 -1.66 -18.69
C SER B 17 31.45 -0.59 -19.78
N MSE B 18 30.44 0.23 -20.10
CA MSE B 18 30.55 1.20 -21.20
C MSE B 18 30.98 2.59 -20.81
O MSE B 18 31.29 3.39 -21.68
CB MSE B 18 29.21 1.28 -21.91
CG MSE B 18 28.85 -0.06 -22.55
SE MSE B 18 27.26 0.15 -23.59
CE MSE B 18 28.16 1.06 -25.07
N MSE B 19 31.01 2.88 -19.52
N MSE B 19 31.02 2.88 -19.52
CA MSE B 19 31.39 4.20 -19.02
CA MSE B 19 31.43 4.20 -19.02
C MSE B 19 32.11 4.07 -17.68
C MSE B 19 32.14 4.06 -17.69
O MSE B 19 32.01 3.03 -17.04
O MSE B 19 32.05 3.02 -17.06
CB MSE B 19 30.15 5.11 -18.90
CB MSE B 19 30.20 5.12 -18.90
CG MSE B 19 29.30 4.86 -17.66
CG MSE B 19 29.31 4.80 -17.70
SE MSE B 19 28.35 3.16 -17.59
SE MSE B 19 27.44 5.16 -18.04
CE MSE B 19 26.88 3.64 -18.77
CE MSE B 19 27.06 3.56 -19.09
N THR B 20 32.81 5.13 -17.24
CA THR B 20 33.54 5.11 -15.95
C THR B 20 32.56 5.27 -14.80
N GLU B 21 33.01 5.00 -13.55
CA GLU B 21 32.13 5.19 -12.36
C GLU B 21 31.76 6.66 -12.24
N GLU B 22 32.73 7.55 -12.51
CA GLU B 22 32.50 9.00 -12.46
C GLU B 22 31.43 9.43 -13.49
N GLU B 23 31.49 8.93 -14.74
CA GLU B 23 30.46 9.20 -15.77
C GLU B 23 29.09 8.66 -15.32
N ALA B 24 29.06 7.38 -14.91
CA ALA B 24 27.80 6.76 -14.45
C ALA B 24 27.20 7.53 -13.25
N ASN B 25 28.04 8.02 -12.32
CA ASN B 25 27.55 8.78 -11.17
C ASN B 25 26.96 10.13 -11.52
N SER B 26 27.38 10.72 -12.61
CA SER B 26 26.93 12.03 -13.00
C SER B 26 25.68 12.01 -13.87
N ILE B 27 25.39 10.89 -14.55
CA ILE B 27 24.29 10.85 -15.53
C ILE B 27 22.92 11.17 -14.88
N THR B 28 22.23 12.15 -15.44
CA THR B 28 20.88 12.48 -14.95
C THR B 28 19.83 12.00 -15.96
N HIS B 29 20.14 12.08 -17.26
N HIS B 29 20.13 12.11 -17.27
CA HIS B 29 19.23 11.73 -18.33
CA HIS B 29 19.24 11.70 -18.34
C HIS B 29 19.88 10.65 -19.19
C HIS B 29 19.94 10.61 -19.13
N LEU B 30 19.40 9.39 -19.05
CA LEU B 30 20.02 8.28 -19.77
C LEU B 30 19.09 7.69 -20.81
N THR B 31 19.58 7.60 -22.05
CA THR B 31 18.89 6.98 -23.17
C THR B 31 19.64 5.70 -23.50
N LEU B 32 18.94 4.59 -23.53
CA LEU B 32 19.56 3.29 -23.85
C LEU B 32 18.91 2.71 -25.07
N THR B 33 19.74 2.23 -25.98
CA THR B 33 19.26 1.53 -27.15
C THR B 33 19.94 0.15 -27.09
N GLY B 34 19.51 -0.75 -27.95
CA GLY B 34 20.07 -2.08 -27.98
C GLY B 34 19.38 -3.05 -27.05
N LYS B 35 20.16 -3.88 -26.37
CA LYS B 35 19.68 -5.00 -25.58
C LYS B 35 20.05 -4.85 -24.13
N LEU B 36 19.06 -4.99 -23.28
CA LEU B 36 19.23 -4.89 -21.83
C LEU B 36 18.71 -6.13 -21.17
N ASN B 37 19.05 -6.34 -19.92
CA ASN B 37 18.46 -7.42 -19.14
C ASN B 37 18.37 -6.93 -17.69
N ALA B 38 17.84 -7.76 -16.79
CA ALA B 38 17.65 -7.39 -15.37
C ALA B 38 18.97 -7.04 -14.68
N GLU B 39 20.12 -7.53 -15.19
CA GLU B 39 21.41 -7.17 -14.60
C GLU B 39 21.71 -5.66 -14.85
N ASP B 40 21.39 -5.14 -16.04
CA ASP B 40 21.54 -3.70 -16.33
C ASP B 40 20.63 -2.87 -15.41
N PHE B 41 19.37 -3.34 -15.21
CA PHE B 41 18.45 -2.66 -14.31
C PHE B 41 19.00 -2.59 -12.89
N ARG B 42 19.67 -3.65 -12.42
CA ARG B 42 20.18 -3.66 -11.04
C ARG B 42 21.23 -2.55 -10.87
N HIS B 43 22.10 -2.37 -11.89
CA HIS B 43 23.11 -1.31 -11.87
C HIS B 43 22.44 0.04 -11.96
N LEU B 44 21.39 0.17 -12.78
CA LEU B 44 20.63 1.42 -12.87
C LEU B 44 19.98 1.76 -11.54
N ARG B 45 19.51 0.73 -10.83
CA ARG B 45 18.86 0.89 -9.55
C ARG B 45 19.86 1.23 -8.43
N ASP B 46 20.92 0.41 -8.29
CA ASP B 46 21.87 0.47 -7.17
C ASP B 46 23.01 1.45 -7.35
N GLU B 47 23.38 1.74 -8.58
CA GLU B 47 24.40 2.73 -8.90
C GLU B 47 23.67 3.89 -9.57
N PHE B 48 24.29 4.60 -10.53
CA PHE B 48 23.64 5.74 -11.24
C PHE B 48 22.89 6.62 -10.22
N PRO B 49 23.60 7.18 -9.21
CA PRO B 49 22.91 7.92 -8.14
C PRO B 49 22.29 9.24 -8.59
N SER B 50 22.63 9.73 -9.79
CA SER B 50 22.04 10.99 -10.25
C SER B 50 20.90 10.75 -11.27
N LEU B 51 20.61 9.49 -11.59
CA LEU B 51 19.63 9.16 -12.64
C LEU B 51 18.23 9.70 -12.34
N LYS B 52 17.74 10.55 -13.24
CA LYS B 52 16.46 11.23 -13.09
C LYS B 52 15.50 10.78 -14.18
N VAL B 53 16.01 10.63 -15.41
CA VAL B 53 15.19 10.27 -16.58
C VAL B 53 15.83 9.07 -17.26
N LEU B 54 15.06 8.00 -17.44
CA LEU B 54 15.54 6.83 -18.14
C LEU B 54 14.67 6.63 -19.38
N ASP B 55 15.26 6.73 -20.57
CA ASP B 55 14.54 6.50 -21.80
C ASP B 55 15.01 5.17 -22.37
N ILE B 56 14.15 4.15 -22.23
CA ILE B 56 14.46 2.82 -22.77
C ILE B 56 13.44 2.49 -23.85
N SER B 57 12.85 3.53 -24.48
CA SER B 57 11.82 3.36 -25.50
C SER B 57 12.37 2.70 -26.78
N ASN B 58 13.69 2.73 -27.00
CA ASN B 58 14.28 2.08 -28.17
C ASN B 58 15.26 0.96 -27.74
N ALA B 59 15.03 0.38 -26.58
CA ALA B 59 15.83 -0.73 -26.09
C ALA B 59 14.97 -1.95 -25.96
N GLU B 60 15.59 -3.12 -26.08
CA GLU B 60 14.88 -4.37 -25.94
C GLU B 60 15.35 -5.04 -24.66
N ILE B 61 14.43 -5.63 -23.93
CA ILE B 61 14.79 -6.34 -22.70
C ILE B 61 14.83 -7.79 -23.03
N LYS B 62 16.01 -8.38 -22.87
CA LYS B 62 16.28 -9.77 -23.16
C LYS B 62 16.14 -10.58 -21.91
N MSE B 63 15.73 -11.83 -22.08
CA MSE B 63 15.57 -12.80 -21.02
C MSE B 63 16.91 -13.02 -20.29
O MSE B 63 17.96 -13.04 -20.91
CB MSE B 63 15.06 -14.13 -21.61
CG MSE B 63 14.72 -15.17 -20.57
SE MSE B 63 14.19 -16.87 -21.36
CE MSE B 63 15.73 -17.16 -22.55
N TYR B 64 16.85 -13.11 -18.97
CA TYR B 64 18.01 -13.36 -18.14
C TYR B 64 17.59 -14.29 -17.02
N SER B 65 18.44 -15.27 -16.71
CA SER B 65 18.19 -16.22 -15.63
C SER B 65 19.40 -16.26 -14.75
N GLY B 66 19.22 -15.92 -13.48
CA GLY B 66 20.34 -15.92 -12.57
C GLY B 66 20.11 -15.17 -11.28
N LYS B 67 21.20 -14.87 -10.61
CA LYS B 67 21.27 -14.23 -9.31
C LYS B 67 21.78 -12.80 -9.38
N ALA B 68 22.17 -12.31 -10.57
CA ALA B 68 22.70 -10.95 -10.75
C ALA B 68 21.64 -9.95 -11.22
N GLY B 69 20.36 -10.36 -11.13
CA GLY B 69 19.24 -9.50 -11.49
C GLY B 69 18.79 -8.60 -10.35
N THR B 70 17.58 -8.07 -10.47
CA THR B 70 17.03 -7.14 -9.50
C THR B 70 16.25 -7.79 -8.36
N TYR B 71 15.85 -9.06 -8.48
CA TYR B 71 15.10 -9.74 -7.41
C TYR B 71 15.90 -9.64 -6.11
N PRO B 72 15.27 -9.25 -4.98
CA PRO B 72 16.05 -9.04 -3.75
C PRO B 72 16.76 -10.28 -3.24
N ASN B 73 17.80 -10.04 -2.43
CA ASN B 73 18.65 -11.00 -1.70
C ASN B 73 19.38 -12.01 -2.61
N GLY B 74 19.73 -11.58 -3.83
CA GLY B 74 20.48 -12.38 -4.79
C GLY B 74 19.88 -13.74 -5.10
N LYS B 75 18.56 -13.87 -4.97
CA LYS B 75 17.84 -15.10 -5.24
C LYS B 75 17.82 -15.37 -6.74
N PHE B 76 17.94 -16.66 -7.13
CA PHE B 76 17.86 -17.07 -8.53
C PHE B 76 16.46 -16.72 -9.02
N TYR B 77 16.39 -16.11 -10.20
CA TYR B 77 15.13 -15.66 -10.76
C TYR B 77 15.23 -15.65 -12.28
N ILE B 78 14.10 -15.90 -12.93
CA ILE B 78 14.00 -15.94 -14.38
C ILE B 78 13.27 -14.69 -14.81
N TYR B 79 13.97 -13.83 -15.54
CA TYR B 79 13.45 -12.56 -16.02
C TYR B 79 13.15 -12.73 -17.47
N MSE B 80 11.86 -12.72 -17.83
CA MSE B 80 11.41 -12.94 -19.21
CA MSE B 80 11.42 -12.95 -19.21
C MSE B 80 11.77 -11.78 -20.10
O MSE B 80 11.91 -10.65 -19.64
CB MSE B 80 9.88 -13.19 -19.27
CB MSE B 80 9.92 -13.24 -19.26
CG MSE B 80 9.36 -14.19 -18.24
CG MSE B 80 9.57 -14.70 -18.95
SE MSE B 80 10.27 -15.89 -18.30
SE MSE B 80 10.37 -15.90 -20.28
CE MSE B 80 8.75 -17.01 -18.78
CE MSE B 80 10.46 -17.55 -19.23
N ALA B 81 11.87 -12.06 -21.41
CA ALA B 81 12.13 -11.04 -22.43
C ALA B 81 10.95 -10.06 -22.43
N ASN B 82 11.21 -8.77 -22.72
CA ASN B 82 10.17 -7.75 -22.87
C ASN B 82 9.41 -7.49 -21.55
N PHE B 83 10.03 -7.85 -20.42
CA PHE B 83 9.48 -7.57 -19.09
C PHE B 83 10.31 -6.55 -18.38
N VAL B 84 9.69 -5.48 -17.84
CA VAL B 84 10.39 -4.58 -16.91
C VAL B 84 10.57 -5.48 -15.70
N PRO B 85 11.82 -5.79 -15.30
CA PRO B 85 12.00 -6.86 -14.31
C PRO B 85 11.42 -6.55 -12.95
N ALA B 86 11.07 -7.61 -12.21
CA ALA B 86 10.57 -7.47 -10.86
C ALA B 86 11.61 -6.71 -10.04
N TYR B 87 11.15 -5.71 -9.27
CA TYR B 87 12.00 -4.88 -8.42
C TYR B 87 13.04 -4.13 -9.24
N ALA B 88 12.73 -3.80 -10.52
CA ALA B 88 13.67 -3.09 -11.41
C ALA B 88 14.30 -1.89 -10.72
N PHE B 89 13.49 -1.08 -10.01
CA PHE B 89 13.99 0.12 -9.36
C PHE B 89 13.58 0.17 -7.90
N SER B 90 13.35 -1.02 -7.33
CA SER B 90 12.93 -1.15 -5.94
C SER B 90 13.74 -2.21 -5.29
N ASN B 91 14.27 -1.93 -4.13
CA ASN B 91 14.99 -2.99 -3.44
C ASN B 91 14.32 -3.20 -2.08
N VAL B 92 14.64 -4.32 -1.44
CA VAL B 92 14.16 -4.63 -0.10
C VAL B 92 15.43 -4.80 0.72
N VAL B 93 15.71 -3.83 1.60
CA VAL B 93 16.92 -3.79 2.42
C VAL B 93 16.51 -4.04 3.88
N ASN B 94 16.57 -5.33 4.31
CA ASN B 94 16.21 -5.84 5.64
C ASN B 94 14.73 -5.54 5.97
N GLY B 95 13.84 -5.95 5.07
CA GLY B 95 12.40 -5.79 5.21
C GLY B 95 11.85 -4.44 4.77
N VAL B 96 12.72 -3.42 4.61
CA VAL B 96 12.27 -2.10 4.20
C VAL B 96 12.46 -1.90 2.70
N THR B 97 11.42 -1.38 2.08
CA THR B 97 11.41 -1.01 0.68
C THR B 97 12.27 0.23 0.48
N LYS B 98 13.19 0.17 -0.49
N LYS B 98 13.18 0.21 -0.50
CA LYS B 98 14.04 1.30 -0.90
CA LYS B 98 14.02 1.36 -0.84
C LYS B 98 13.92 1.44 -2.41
C LYS B 98 14.01 1.53 -2.37
N GLY B 99 13.15 2.42 -2.83
CA GLY B 99 12.96 2.73 -4.26
C GLY B 99 14.03 3.70 -4.74
N LYS B 100 14.18 3.88 -6.05
CA LYS B 100 15.15 4.85 -6.58
C LYS B 100 14.52 6.26 -6.52
N GLN B 101 14.88 7.04 -5.49
CA GLN B 101 14.25 8.32 -5.22
C GLN B 101 14.60 9.45 -6.20
N THR B 102 15.69 9.32 -6.97
CA THR B 102 16.01 10.36 -7.95
C THR B 102 15.23 10.16 -9.26
N LEU B 103 14.68 8.96 -9.49
CA LEU B 103 14.00 8.64 -10.75
C LEU B 103 12.67 9.37 -10.87
N GLU B 104 12.59 10.24 -11.85
CA GLU B 104 11.42 11.09 -12.07
C GLU B 104 10.65 10.71 -13.30
N LYS B 105 11.33 10.16 -14.31
CA LYS B 105 10.65 9.84 -15.55
C LYS B 105 11.24 8.65 -16.22
N VAL B 106 10.38 7.72 -16.66
N VAL B 106 10.37 7.73 -16.66
CA VAL B 106 10.77 6.52 -17.40
CA VAL B 106 10.77 6.56 -17.41
C VAL B 106 9.96 6.51 -18.70
C VAL B 106 9.98 6.57 -18.72
N ILE B 107 10.63 6.13 -19.81
CA ILE B 107 9.99 6.04 -21.12
C ILE B 107 10.20 4.62 -21.55
N LEU B 108 9.09 3.88 -21.71
CA LEU B 108 9.09 2.48 -22.06
C LEU B 108 8.74 2.28 -23.51
N SER B 109 9.28 1.21 -24.13
CA SER B 109 9.01 0.89 -25.53
C SER B 109 7.64 0.25 -25.76
N GLU B 110 7.29 0.14 -27.05
CA GLU B 110 6.07 -0.53 -27.49
C GLU B 110 6.21 -2.06 -27.35
N LYS B 111 7.43 -2.57 -27.11
CA LYS B 111 7.70 -4.00 -26.99
C LYS B 111 7.52 -4.51 -25.55
N ILE B 112 7.32 -3.62 -24.57
CA ILE B 112 7.13 -4.07 -23.19
C ILE B 112 5.84 -4.89 -23.08
N LYS B 113 5.95 -6.10 -22.55
CA LYS B 113 4.78 -6.96 -22.38
C LYS B 113 4.27 -6.88 -20.97
N ASN B 114 5.19 -6.90 -20.00
CA ASN B 114 4.87 -6.84 -18.57
C ASN B 114 5.74 -5.87 -17.82
N ILE B 115 5.14 -5.23 -16.81
CA ILE B 115 5.82 -4.38 -15.83
C ILE B 115 5.66 -5.17 -14.56
N GLU B 116 6.70 -5.88 -14.19
CA GLU B 116 6.70 -6.88 -13.14
C GLU B 116 6.61 -6.32 -11.73
N ASP B 117 6.28 -7.20 -10.77
CA ASP B 117 6.06 -6.89 -9.36
C ASP B 117 7.04 -5.89 -8.83
N ALA B 118 6.49 -4.82 -8.19
CA ALA B 118 7.24 -3.79 -7.49
C ALA B 118 8.36 -3.14 -8.35
N ALA B 119 8.23 -3.11 -9.69
CA ALA B 119 9.26 -2.52 -10.56
C ALA B 119 9.62 -1.10 -10.13
N PHE B 120 8.64 -0.28 -9.74
CA PHE B 120 8.95 1.09 -9.33
C PHE B 120 8.43 1.38 -7.93
N LYS B 121 8.28 0.34 -7.10
CA LYS B 121 7.74 0.49 -5.75
C LYS B 121 8.69 1.34 -4.91
N GLY B 122 8.13 2.35 -4.25
CA GLY B 122 8.91 3.25 -3.43
C GLY B 122 9.66 4.31 -4.23
N CYS B 123 9.39 4.41 -5.55
CA CYS B 123 10.01 5.46 -6.36
C CYS B 123 9.07 6.64 -6.22
N ASP B 124 9.18 7.35 -5.11
CA ASP B 124 8.24 8.39 -4.72
C ASP B 124 8.26 9.65 -5.59
N ASN B 125 9.26 9.80 -6.41
CA ASN B 125 9.38 10.97 -7.26
C ASN B 125 9.17 10.63 -8.73
N LEU B 126 8.69 9.40 -9.01
CA LEU B 126 8.43 8.98 -10.38
C LEU B 126 7.17 9.65 -10.86
N LYS B 127 7.30 10.82 -11.45
CA LYS B 127 6.11 11.59 -11.83
C LYS B 127 5.54 11.10 -13.14
N ILE B 128 6.40 10.53 -14.00
CA ILE B 128 6.02 10.14 -15.35
C ILE B 128 6.46 8.75 -15.65
N CYS B 129 5.52 8.00 -16.18
CA CYS B 129 5.82 6.75 -16.83
C CYS B 129 5.22 6.88 -18.21
N GLN B 130 6.07 7.13 -19.20
CA GLN B 130 5.60 7.33 -20.56
C GLN B 130 5.76 6.01 -21.30
N ILE B 131 4.66 5.49 -21.82
CA ILE B 131 4.69 4.18 -22.49
C ILE B 131 4.33 4.37 -23.94
N ARG B 132 5.20 3.92 -24.84
CA ARG B 132 5.02 4.12 -26.28
C ARG B 132 4.05 3.08 -26.90
N LYS B 133 3.62 2.09 -26.10
CA LYS B 133 2.70 1.05 -26.53
C LYS B 133 1.25 1.59 -26.63
N LYS B 134 0.55 1.21 -27.72
CA LYS B 134 -0.83 1.63 -27.98
C LYS B 134 -1.83 0.95 -27.02
N THR B 135 -1.41 -0.16 -26.39
CA THR B 135 -2.25 -0.90 -25.43
C THR B 135 -1.45 -1.04 -24.15
N ALA B 136 -2.12 -1.22 -23.03
CA ALA B 136 -1.39 -1.33 -21.78
C ALA B 136 -0.63 -2.67 -21.67
N PRO B 137 0.64 -2.63 -21.23
CA PRO B 137 1.29 -3.91 -20.91
C PRO B 137 0.66 -4.47 -19.63
N ASN B 138 0.96 -5.72 -19.27
CA ASN B 138 0.49 -6.26 -18.01
C ASN B 138 1.18 -5.51 -16.85
N LEU B 139 0.42 -5.08 -15.86
CA LEU B 139 0.95 -4.37 -14.71
C LEU B 139 0.77 -5.25 -13.51
N LEU B 140 1.87 -5.58 -12.87
CA LEU B 140 1.87 -6.48 -11.75
C LEU B 140 1.76 -5.71 -10.44
N PRO B 141 1.45 -6.39 -9.31
CA PRO B 141 1.24 -5.66 -8.06
C PRO B 141 2.40 -4.77 -7.61
N GLU B 142 2.06 -3.53 -7.22
CA GLU B 142 2.94 -2.48 -6.70
C GLU B 142 4.02 -2.04 -7.73
N ALA B 143 3.89 -2.43 -9.02
CA ALA B 143 4.86 -2.05 -10.05
C ALA B 143 4.86 -0.53 -10.28
N LEU B 144 3.67 0.08 -10.34
CA LEU B 144 3.46 1.51 -10.49
C LEU B 144 2.43 1.95 -9.45
N ALA B 145 2.59 3.14 -8.86
CA ALA B 145 1.67 3.64 -7.85
C ALA B 145 0.81 4.76 -8.47
N ASP B 146 -0.50 4.53 -8.59
CA ASP B 146 -1.41 5.51 -9.21
C ASP B 146 -1.57 6.76 -8.34
N SER B 147 -1.09 6.75 -7.09
CA SER B 147 -1.11 7.94 -6.22
C SER B 147 0.16 8.79 -6.49
N VAL B 148 1.09 8.27 -7.31
CA VAL B 148 2.36 8.96 -7.51
C VAL B 148 2.63 9.31 -8.98
N THR B 149 2.43 8.34 -9.86
N THR B 149 2.50 8.33 -9.86
CA THR B 149 2.84 8.37 -11.27
CA THR B 149 2.87 8.48 -11.25
C THR B 149 1.69 8.55 -12.28
C THR B 149 1.68 8.67 -12.18
N ALA B 150 1.85 9.55 -13.15
CA ALA B 150 0.91 9.80 -14.26
C ALA B 150 1.45 9.01 -15.47
N ILE B 151 0.53 8.41 -16.25
CA ILE B 151 0.91 7.57 -17.37
C ILE B 151 0.68 8.35 -18.64
N PHE B 152 1.76 8.53 -19.42
CA PHE B 152 1.69 9.25 -20.69
C PHE B 152 1.68 8.22 -21.77
N ILE B 153 0.59 8.24 -22.54
CA ILE B 153 0.30 7.23 -23.52
C ILE B 153 0.03 7.84 -24.89
N PRO B 154 0.05 7.01 -25.96
CA PRO B 154 -0.21 7.54 -27.29
C PRO B 154 -1.61 8.10 -27.46
N LEU B 155 -1.77 9.01 -28.40
CA LEU B 155 -3.05 9.61 -28.78
C LEU B 155 -4.03 8.51 -29.17
N GLY B 156 -5.23 8.55 -28.58
CA GLY B 156 -6.31 7.59 -28.80
C GLY B 156 -6.19 6.26 -28.06
N SER B 157 -5.23 6.13 -27.12
CA SER B 157 -4.97 4.89 -26.38
C SER B 157 -5.68 4.76 -25.03
N SER B 158 -6.30 5.84 -24.50
CA SER B 158 -6.93 5.83 -23.15
C SER B 158 -7.78 4.59 -22.87
N ASP B 159 -8.64 4.16 -23.83
CA ASP B 159 -9.52 3.00 -23.67
C ASP B 159 -8.74 1.67 -23.66
N ALA B 160 -7.56 1.62 -24.29
CA ALA B 160 -6.73 0.41 -24.30
C ALA B 160 -5.84 0.35 -23.04
N TYR B 161 -5.99 1.33 -22.13
CA TYR B 161 -5.26 1.37 -20.86
C TYR B 161 -6.18 1.34 -19.64
N ARG B 162 -7.15 2.25 -19.56
CA ARG B 162 -7.93 2.50 -18.36
C ARG B 162 -8.82 1.32 -17.87
N PHE B 163 -9.08 0.30 -18.71
CA PHE B 163 -9.90 -0.83 -18.31
C PHE B 163 -9.05 -2.07 -18.01
N LYS B 164 -7.74 -1.97 -18.22
CA LYS B 164 -6.87 -3.11 -17.97
C LYS B 164 -6.64 -3.28 -16.46
N ASN B 165 -6.60 -4.54 -16.02
CA ASN B 165 -6.40 -4.91 -14.62
C ASN B 165 -5.20 -4.18 -14.01
N ARG B 166 -5.44 -3.47 -12.87
CA ARG B 166 -4.49 -2.68 -12.05
C ARG B 166 -4.17 -1.31 -12.64
N TRP B 167 -4.67 -1.00 -13.82
CA TRP B 167 -4.45 0.32 -14.44
C TRP B 167 -5.62 1.28 -14.24
N GLU B 168 -6.74 0.78 -13.75
CA GLU B 168 -8.02 1.51 -13.66
C GLU B 168 -7.97 2.90 -13.02
N HIS B 169 -7.10 3.17 -12.02
CA HIS B 169 -7.16 4.49 -11.37
C HIS B 169 -5.99 5.41 -11.66
N PHE B 170 -5.14 5.09 -12.64
CA PHE B 170 -4.04 5.99 -12.99
C PHE B 170 -4.53 7.22 -13.70
N ALA B 171 -3.80 8.32 -13.53
CA ALA B 171 -3.98 9.53 -14.30
C ALA B 171 -3.39 9.20 -15.66
N PHE B 172 -4.23 9.11 -16.70
CA PHE B 172 -3.75 8.84 -18.07
C PHE B 172 -3.76 10.12 -18.87
N ILE B 173 -2.62 10.48 -19.41
CA ILE B 173 -2.55 11.70 -20.23
C ILE B 173 -2.04 11.28 -21.59
N GLU B 174 -2.83 11.53 -22.62
CA GLU B 174 -2.40 11.21 -23.97
C GLU B 174 -1.44 12.26 -24.49
N GLY B 175 -0.42 11.79 -25.21
CA GLY B 175 0.59 12.67 -25.77
C GLY B 175 1.79 12.81 -24.87
N GLU B 176 2.57 13.87 -25.11
CA GLU B 176 3.84 14.13 -24.44
C GLU B 176 3.68 14.84 -23.11
N PRO B 177 4.50 14.46 -22.11
CA PRO B 177 4.46 15.19 -20.83
C PRO B 177 5.07 16.57 -20.99
N LEU B 178 4.53 17.57 -20.29
CA LEU B 178 5.11 18.89 -20.35
C LEU B 178 5.34 19.37 -18.93
N GLU B 179 6.61 19.55 -18.59
CA GLU B 179 7.04 20.04 -17.28
C GLU B 179 7.66 21.40 -17.49
N THR B 180 7.24 22.39 -16.71
CA THR B 180 7.78 23.74 -16.88
C THR B 180 7.81 24.51 -15.56
N THR B 181 8.71 25.48 -15.50
CA THR B 181 8.90 26.40 -14.38
C THR B 181 8.69 27.78 -14.95
N ILE B 182 7.73 28.51 -14.38
CA ILE B 182 7.38 29.86 -14.84
C ILE B 182 7.68 30.88 -13.75
N GLN B 183 8.42 31.93 -14.11
CA GLN B 183 8.77 33.06 -13.25
C GLN B 183 7.74 34.15 -13.48
N VAL B 184 7.07 34.63 -12.42
CA VAL B 184 6.09 35.70 -12.60
C VAL B 184 6.51 36.87 -11.72
N GLY B 185 6.81 38.00 -12.36
CA GLY B 185 7.20 39.23 -11.68
C GLY B 185 6.00 39.88 -11.00
N ALA B 186 6.27 40.83 -10.08
CA ALA B 186 5.28 41.56 -9.28
C ALA B 186 4.15 42.20 -10.13
N MSE B 187 4.48 42.65 -11.36
CA MSE B 187 3.50 43.26 -12.26
C MSE B 187 3.25 42.41 -13.51
O MSE B 187 2.60 42.85 -14.46
CB MSE B 187 3.92 44.68 -12.62
CG MSE B 187 3.69 45.63 -11.47
SE MSE B 187 2.96 47.34 -12.04
CE MSE B 187 1.10 46.82 -12.41
N GLY B 188 3.73 41.16 -13.48
CA GLY B 188 3.56 40.20 -14.56
C GLY B 188 2.26 39.43 -14.48
N LYS B 189 2.04 38.56 -15.48
CA LYS B 189 0.85 37.71 -15.59
C LYS B 189 1.27 36.30 -15.92
N LEU B 190 0.78 35.30 -15.19
CA LEU B 190 1.08 33.89 -15.46
C LEU B 190 0.78 33.55 -16.93
N GLU B 191 -0.37 34.01 -17.44
CA GLU B 191 -0.81 33.78 -18.81
C GLU B 191 0.23 34.27 -19.84
N ASP B 192 0.74 35.49 -19.63
CA ASP B 192 1.73 36.12 -20.51
C ASP B 192 3.07 35.41 -20.40
N GLU B 193 3.44 34.99 -19.17
CA GLU B 193 4.73 34.31 -18.95
C GLU B 193 4.72 32.92 -19.59
N ILE B 194 3.55 32.24 -19.59
CA ILE B 194 3.40 30.93 -20.24
C ILE B 194 3.57 31.11 -21.77
N MSE B 195 2.92 32.16 -22.31
CA MSE B 195 2.97 32.49 -23.74
CA MSE B 195 2.96 32.51 -23.73
C MSE B 195 4.40 32.81 -24.15
O MSE B 195 4.82 32.37 -25.23
CB MSE B 195 2.04 33.67 -24.06
CB MSE B 195 2.04 33.72 -24.02
CG MSE B 195 1.65 33.73 -25.53
CG MSE B 195 1.66 33.85 -25.49
SE MSE B 195 0.41 35.19 -25.89
SE MSE B 195 1.41 35.69 -26.11
CE MSE B 195 -1.01 34.83 -24.56
CE MSE B 195 3.25 36.34 -25.96
N LYS B 196 5.15 33.56 -23.31
CA LYS B 196 6.56 33.94 -23.57
C LYS B 196 7.47 32.71 -23.57
N ALA B 197 7.10 31.66 -22.80
CA ALA B 197 7.85 30.42 -22.74
C ALA B 197 7.57 29.57 -24.00
N GLY B 198 6.63 30.03 -24.83
CA GLY B 198 6.22 29.37 -26.07
C GLY B 198 5.29 28.20 -25.80
N LEU B 199 4.59 28.24 -24.65
CA LEU B 199 3.70 27.16 -24.25
C LEU B 199 2.23 27.54 -24.26
N GLN B 200 1.38 26.49 -24.22
CA GLN B 200 -0.06 26.60 -24.13
C GLN B 200 -0.45 26.13 -22.73
N PRO B 201 -1.25 26.92 -21.95
CA PRO B 201 -1.65 26.47 -20.59
C PRO B 201 -2.27 25.06 -20.58
N ARG B 202 -3.11 24.73 -21.59
CA ARG B 202 -3.76 23.41 -21.64
C ARG B 202 -2.76 22.21 -21.75
N ASP B 203 -1.56 22.44 -22.27
CA ASP B 203 -0.55 21.39 -22.43
C ASP B 203 0.23 21.09 -21.16
N ILE B 204 0.17 22.00 -20.18
CA ILE B 204 1.00 21.91 -18.99
C ILE B 204 0.52 20.78 -18.06
N ASN B 205 1.45 19.89 -17.70
CA ASN B 205 1.18 18.78 -16.79
C ASN B 205 1.89 18.99 -15.47
N PHE B 206 3.14 19.46 -15.50
CA PHE B 206 3.91 19.64 -14.26
C PHE B 206 4.36 21.07 -14.22
N LEU B 207 3.77 21.86 -13.31
CA LEU B 207 4.05 23.27 -13.28
C LEU B 207 4.65 23.70 -11.98
N THR B 208 5.68 24.53 -12.09
CA THR B 208 6.29 25.20 -10.96
C THR B 208 6.14 26.67 -11.22
N ILE B 209 5.56 27.38 -10.28
CA ILE B 209 5.45 28.82 -10.39
C ILE B 209 6.27 29.44 -9.30
N GLU B 210 7.02 30.45 -9.65
CA GLU B 210 7.84 31.20 -8.70
C GLU B 210 7.53 32.66 -8.88
N GLY B 211 7.42 33.38 -7.76
CA GLY B 211 7.18 34.82 -7.76
C GLY B 211 5.78 35.20 -7.37
N LYS B 212 5.12 35.98 -8.22
CA LYS B 212 3.80 36.50 -7.95
C LYS B 212 2.69 35.57 -8.44
N LEU B 213 1.68 35.39 -7.59
CA LEU B 213 0.50 34.61 -7.87
C LEU B 213 -0.70 35.32 -7.30
N ASP B 214 -1.58 35.79 -8.17
CA ASP B 214 -2.77 36.51 -7.77
C ASP B 214 -4.03 35.79 -8.29
N ASN B 215 -5.22 36.37 -8.00
CA ASN B 215 -6.52 35.80 -8.35
C ASN B 215 -6.69 35.55 -9.86
N ALA B 216 -6.23 36.48 -10.73
CA ALA B 216 -6.31 36.30 -12.19
C ALA B 216 -5.42 35.11 -12.64
N ASP B 217 -4.27 34.93 -12.01
CA ASP B 217 -3.38 33.81 -12.33
C ASP B 217 -4.04 32.49 -11.89
N PHE B 218 -4.70 32.48 -10.71
CA PHE B 218 -5.41 31.29 -10.24
C PHE B 218 -6.57 30.92 -11.18
N LYS B 219 -7.23 31.92 -11.76
CA LYS B 219 -8.34 31.70 -12.71
C LYS B 219 -7.82 31.01 -13.99
N LEU B 220 -6.60 31.36 -14.42
CA LEU B 220 -5.99 30.69 -15.59
C LEU B 220 -5.73 29.21 -15.24
N ILE B 221 -5.25 28.94 -14.03
CA ILE B 221 -4.99 27.57 -13.60
C ILE B 221 -6.35 26.83 -13.51
N ARG B 222 -7.35 27.53 -12.98
CA ARG B 222 -8.68 26.94 -12.76
C ARG B 222 -9.31 26.52 -14.08
N ASP B 223 -9.29 27.43 -15.04
CA ASP B 223 -10.03 27.22 -16.27
C ASP B 223 -9.26 26.69 -17.46
N TYR B 224 -7.92 26.84 -17.51
CA TYR B 224 -7.23 26.47 -18.75
C TYR B 224 -6.12 25.47 -18.58
N MSE B 225 -6.13 24.73 -17.48
N MSE B 225 -6.17 24.71 -17.51
CA MSE B 225 -5.11 23.73 -17.21
CA MSE B 225 -5.17 23.68 -17.21
C MSE B 225 -5.79 22.41 -16.77
C MSE B 225 -5.83 22.40 -16.77
O MSE B 225 -5.59 21.99 -15.63
O MSE B 225 -5.64 21.98 -15.63
CB MSE B 225 -4.14 24.25 -16.12
CB MSE B 225 -4.24 24.17 -16.11
CG MSE B 225 -3.55 25.63 -16.46
CG MSE B 225 -3.23 25.09 -16.66
SE MSE B 225 -1.74 25.99 -15.76
SE MSE B 225 -1.99 25.39 -15.30
CE MSE B 225 -1.84 25.07 -14.20
CE MSE B 225 -1.55 27.20 -15.96
N PRO B 226 -6.58 21.73 -17.65
CA PRO B 226 -7.25 20.50 -17.22
C PRO B 226 -6.32 19.32 -16.99
N ASN B 227 -5.12 19.31 -17.62
CA ASN B 227 -4.19 18.18 -17.55
C ASN B 227 -3.07 18.38 -16.57
N LEU B 228 -3.27 19.26 -15.60
CA LEU B 228 -2.33 19.53 -14.53
C LEU B 228 -2.25 18.32 -13.59
N VAL B 229 -1.05 17.75 -13.47
CA VAL B 229 -0.81 16.57 -12.65
C VAL B 229 -0.18 16.99 -11.33
N SER B 230 0.72 17.96 -11.41
CA SER B 230 1.45 18.41 -10.25
C SER B 230 1.63 19.88 -10.32
N LEU B 231 1.46 20.53 -9.18
CA LEU B 231 1.63 21.97 -9.14
C LEU B 231 2.48 22.37 -7.95
N ASP B 232 3.55 23.10 -8.20
CA ASP B 232 4.42 23.58 -7.14
C ASP B 232 4.34 25.10 -7.14
N ILE B 233 3.61 25.64 -6.17
CA ILE B 233 3.46 27.10 -6.04
C ILE B 233 3.98 27.53 -4.67
N SER B 234 4.87 26.73 -4.09
CA SER B 234 5.44 27.03 -2.77
C SER B 234 6.21 28.36 -2.79
N LYS B 235 6.96 28.62 -3.87
CA LYS B 235 7.75 29.85 -3.93
C LYS B 235 6.99 31.03 -4.57
N THR B 236 5.74 31.20 -4.17
CA THR B 236 4.89 32.30 -4.63
C THR B 236 4.43 33.07 -3.42
N ASN B 237 3.98 34.31 -3.64
CA ASN B 237 3.52 35.18 -2.55
C ASN B 237 2.01 35.08 -2.30
N ALA B 238 1.28 34.16 -2.98
CA ALA B 238 -0.17 34.02 -2.78
C ALA B 238 -0.49 33.72 -1.29
N THR B 239 -1.46 34.44 -0.75
CA THR B 239 -1.90 34.24 0.63
C THR B 239 -3.29 33.59 0.65
N THR B 240 -3.94 33.50 -0.52
CA THR B 240 -5.26 32.88 -0.62
CA THR B 240 -5.26 32.88 -0.63
C THR B 240 -5.37 32.05 -1.88
N ILE B 241 -6.12 30.95 -1.79
CA ILE B 241 -6.42 30.18 -2.98
C ILE B 241 -7.92 30.45 -3.17
N PRO B 242 -8.29 31.15 -4.26
CA PRO B 242 -9.71 31.47 -4.46
C PRO B 242 -10.60 30.24 -4.58
N ASP B 243 -11.88 30.41 -4.28
CA ASP B 243 -12.91 29.37 -4.37
C ASP B 243 -12.82 28.57 -5.69
N PHE B 244 -12.94 27.25 -5.60
CA PHE B 244 -12.99 26.30 -6.75
C PHE B 244 -11.71 26.27 -7.61
N THR B 245 -10.60 26.89 -7.19
CA THR B 245 -9.42 26.95 -8.08
C THR B 245 -8.99 25.57 -8.62
N PHE B 246 -8.92 24.59 -7.74
CA PHE B 246 -8.47 23.29 -8.20
C PHE B 246 -9.61 22.32 -8.30
N ALA B 247 -10.83 22.80 -8.36
CA ALA B 247 -12.00 21.95 -8.44
C ALA B 247 -11.99 21.18 -9.75
N GLN B 248 -12.25 19.87 -9.64
CA GLN B 248 -12.32 18.92 -10.73
C GLN B 248 -10.99 18.86 -11.59
N LYS B 249 -9.85 19.05 -10.94
CA LYS B 249 -8.54 18.81 -11.54
C LYS B 249 -8.41 17.31 -11.49
N LYS B 250 -8.91 16.62 -12.53
CA LYS B 250 -9.03 15.17 -12.60
C LYS B 250 -7.71 14.42 -12.44
N TYR B 251 -6.59 15.02 -12.87
CA TYR B 251 -5.29 14.34 -12.87
C TYR B 251 -4.32 14.87 -11.84
N LEU B 252 -4.77 15.78 -10.97
CA LEU B 252 -3.93 16.41 -9.97
C LEU B 252 -3.57 15.42 -8.89
N LEU B 253 -2.29 15.05 -8.82
CA LEU B 253 -1.82 14.11 -7.83
C LEU B 253 -1.15 14.81 -6.69
N LYS B 254 -0.53 15.95 -6.98
CA LYS B 254 0.32 16.60 -6.01
C LYS B 254 0.29 18.10 -6.14
N ILE B 255 0.28 18.77 -5.01
CA ILE B 255 0.34 20.21 -4.95
C ILE B 255 1.22 20.60 -3.78
N LYS B 256 2.07 21.62 -4.00
CA LYS B 256 2.88 22.24 -2.97
C LYS B 256 2.33 23.64 -2.86
N LEU B 257 1.66 23.93 -1.76
CA LEU B 257 0.96 25.20 -1.55
C LEU B 257 1.91 26.38 -1.29
N PRO B 258 1.45 27.63 -1.55
CA PRO B 258 2.30 28.81 -1.33
C PRO B 258 2.83 28.84 0.10
N HIS B 259 4.12 29.14 0.27
CA HIS B 259 4.81 29.10 1.58
C HIS B 259 4.20 30.02 2.63
N ASN B 260 3.46 31.04 2.23
CA ASN B 260 2.85 31.98 3.15
C ASN B 260 1.31 31.99 3.06
N LEU B 261 0.76 30.92 2.52
CA LEU B 261 -0.69 30.77 2.39
C LEU B 261 -1.42 31.01 3.72
N LYS B 262 -2.45 31.84 3.67
CA LYS B 262 -3.28 32.12 4.85
C LYS B 262 -4.66 31.46 4.72
N THR B 263 -5.30 31.54 3.54
CA THR B 263 -6.67 31.05 3.38
C THR B 263 -6.87 30.11 2.23
N ILE B 264 -7.62 29.03 2.48
CA ILE B 264 -8.04 28.12 1.43
C ILE B 264 -9.54 28.43 1.24
N GLY B 265 -9.90 28.89 0.04
CA GLY B 265 -11.28 29.23 -0.33
C GLY B 265 -12.20 28.03 -0.26
N GLN B 266 -13.47 28.25 -0.52
CA GLN B 266 -14.40 27.12 -0.44
C GLN B 266 -14.26 26.20 -1.66
N ARG B 267 -14.42 24.88 -1.42
CA ARG B 267 -14.44 23.84 -2.48
C ARG B 267 -13.25 23.96 -3.44
N VAL B 268 -12.12 24.42 -2.91
CA VAL B 268 -10.92 24.60 -3.74
C VAL B 268 -10.48 23.26 -4.39
N PHE B 269 -10.58 22.15 -3.67
CA PHE B 269 -10.13 20.87 -4.18
C PHE B 269 -11.29 19.97 -4.40
N SER B 270 -12.47 20.54 -4.60
CA SER B 270 -13.70 19.83 -4.82
C SER B 270 -13.53 18.83 -5.97
N ASN B 271 -13.82 17.54 -5.71
CA ASN B 271 -13.69 16.46 -6.69
C ASN B 271 -12.28 16.30 -7.29
N CYS B 272 -11.22 16.56 -6.49
CA CYS B 272 -9.88 16.24 -6.92
C CYS B 272 -9.65 14.80 -6.55
N GLY B 273 -10.28 13.92 -7.33
CA GLY B 273 -10.34 12.48 -7.07
C GLY B 273 -9.02 11.74 -7.03
N ARG B 274 -7.96 12.32 -7.58
CA ARG B 274 -6.65 11.65 -7.60
C ARG B 274 -5.62 12.31 -6.66
N LEU B 275 -5.97 13.47 -6.06
CA LEU B 275 -5.10 14.13 -5.06
C LEU B 275 -4.82 13.12 -3.94
N ALA B 276 -3.55 12.76 -3.74
CA ALA B 276 -3.26 11.63 -2.88
C ALA B 276 -2.44 11.92 -1.63
N GLY B 277 -2.46 10.94 -0.73
CA GLY B 277 -1.67 10.89 0.49
C GLY B 277 -1.97 12.01 1.47
N THR B 278 -0.93 12.69 1.91
CA THR B 278 -1.02 13.77 2.89
C THR B 278 -0.73 15.08 2.20
N LEU B 279 -1.71 15.99 2.26
CA LEU B 279 -1.50 17.33 1.76
C LEU B 279 -1.00 18.19 2.92
N GLU B 280 0.17 18.78 2.76
CA GLU B 280 0.77 19.59 3.79
C GLU B 280 0.37 21.05 3.67
N LEU B 281 -0.10 21.63 4.77
CA LEU B 281 -0.47 23.02 4.78
C LEU B 281 0.63 23.83 5.37
N PRO B 282 0.97 24.97 4.76
CA PRO B 282 1.93 25.90 5.37
C PRO B 282 1.47 26.27 6.77
N ALA B 283 2.41 26.58 7.66
CA ALA B 283 2.13 26.94 9.07
C ALA B 283 1.31 28.24 9.20
N SER B 284 1.26 29.06 8.14
CA SER B 284 0.55 30.35 8.13
C SER B 284 -0.96 30.21 7.90
N VAL B 285 -1.45 29.02 7.50
CA VAL B 285 -2.87 28.83 7.21
C VAL B 285 -3.72 29.12 8.44
N THR B 286 -4.66 30.05 8.32
CA THR B 286 -5.56 30.39 9.43
C THR B 286 -6.99 30.05 9.12
N ALA B 287 -7.32 29.83 7.83
CA ALA B 287 -8.70 29.54 7.45
C ALA B 287 -8.80 28.54 6.30
N ILE B 288 -9.70 27.57 6.45
CA ILE B 288 -10.04 26.61 5.41
C ILE B 288 -11.54 26.69 5.29
N GLU B 289 -12.03 27.13 4.13
CA GLU B 289 -13.46 27.37 3.98
C GLU B 289 -14.23 26.14 3.52
N PHE B 290 -15.56 26.27 3.56
CA PHE B 290 -16.57 25.27 3.21
C PHE B 290 -16.13 24.29 2.14
N GLY B 291 -16.23 23.02 2.47
CA GLY B 291 -15.97 21.89 1.58
C GLY B 291 -14.72 21.91 0.74
N ALA B 292 -13.64 22.47 1.28
CA ALA B 292 -12.39 22.63 0.54
C ALA B 292 -11.86 21.33 -0.03
N PHE B 293 -12.08 20.19 0.65
CA PHE B 293 -11.56 18.90 0.21
C PHE B 293 -12.67 17.88 -0.09
N MSE B 294 -13.87 18.35 -0.45
N MSE B 294 -13.89 18.34 -0.40
CA MSE B 294 -14.99 17.47 -0.80
CA MSE B 294 -15.00 17.40 -0.71
C MSE B 294 -14.60 16.62 -2.00
C MSE B 294 -14.68 16.64 -1.98
O MSE B 294 -13.93 17.12 -2.90
O MSE B 294 -14.10 17.20 -2.91
CB MSE B 294 -16.21 18.34 -1.19
CB MSE B 294 -16.34 18.15 -0.84
CG MSE B 294 -16.94 18.96 -0.05
CG MSE B 294 -16.77 18.86 0.42
SE MSE B 294 -18.41 20.08 -0.72
SE MSE B 294 -18.70 19.11 0.77
CE MSE B 294 -19.72 18.67 -1.01
CE MSE B 294 -19.16 20.19 -0.80
N GLY B 295 -15.00 15.34 -1.99
CA GLY B 295 -14.72 14.43 -3.11
C GLY B 295 -13.27 14.10 -3.35
N CYS B 296 -12.40 14.37 -2.35
CA CYS B 296 -10.98 14.02 -2.46
C CYS B 296 -10.83 12.64 -1.85
N ASP B 297 -11.39 11.67 -2.55
CA ASP B 297 -11.51 10.29 -2.08
C ASP B 297 -10.17 9.59 -1.90
N ASN B 298 -9.10 10.04 -2.58
CA ASN B 298 -7.78 9.39 -2.44
C ASN B 298 -6.85 10.15 -1.52
N LEU B 299 -7.29 11.30 -1.00
CA LEU B 299 -6.53 12.11 -0.06
C LEU B 299 -6.68 11.45 1.31
N ARG B 300 -5.55 11.11 1.94
CA ARG B 300 -5.64 10.44 3.23
C ARG B 300 -5.70 11.48 4.34
N TYR B 301 -4.85 12.49 4.24
CA TYR B 301 -4.78 13.47 5.32
C TYR B 301 -4.47 14.84 4.82
N VAL B 302 -4.85 15.82 5.64
CA VAL B 302 -4.49 17.21 5.43
C VAL B 302 -3.74 17.55 6.66
N LEU B 303 -2.45 17.81 6.52
CA LEU B 303 -1.59 18.06 7.67
C LEU B 303 -1.35 19.56 7.89
N ALA B 304 -1.87 20.07 9.01
CA ALA B 304 -1.64 21.45 9.41
C ALA B 304 -0.29 21.48 10.14
N THR B 305 0.68 22.22 9.57
CA THR B 305 2.05 22.24 10.12
C THR B 305 2.21 23.37 11.13
N GLY B 306 1.20 24.21 11.26
CA GLY B 306 1.20 25.31 12.21
C GLY B 306 0.02 25.19 13.14
N ASP B 307 -0.07 26.10 14.09
CA ASP B 307 -1.14 26.13 15.08
C ASP B 307 -1.95 27.42 14.90
N LYS B 308 -1.99 27.95 13.68
CA LYS B 308 -2.66 29.23 13.37
C LYS B 308 -4.09 29.05 12.84
N ILE B 309 -4.55 27.82 12.56
CA ILE B 309 -5.92 27.67 12.05
C ILE B 309 -6.93 28.08 13.14
N THR B 310 -7.75 29.07 12.81
CA THR B 310 -8.79 29.60 13.70
C THR B 310 -10.16 29.43 13.04
N THR B 311 -10.19 29.25 11.70
CA THR B 311 -11.46 29.14 10.99
C THR B 311 -11.50 27.88 10.14
N LEU B 312 -12.41 26.98 10.46
CA LEU B 312 -12.64 25.78 9.68
C LEU B 312 -14.07 25.80 9.23
N GLY B 313 -14.29 25.86 7.92
CA GLY B 313 -15.64 25.85 7.37
C GLY B 313 -16.30 24.49 7.55
N ASP B 314 -17.56 24.39 7.14
CA ASP B 314 -18.33 23.15 7.28
C ASP B 314 -17.95 22.16 6.22
N GLU B 315 -18.30 20.88 6.46
CA GLU B 315 -18.15 19.76 5.52
C GLU B 315 -16.85 19.83 4.72
N LEU B 316 -15.73 20.07 5.38
CA LEU B 316 -14.44 20.20 4.70
C LEU B 316 -14.09 19.00 3.89
N PHE B 317 -14.54 17.79 4.29
CA PHE B 317 -14.17 16.57 3.60
C PHE B 317 -15.32 15.87 2.97
N GLY B 318 -16.47 16.56 2.95
CA GLY B 318 -17.74 16.06 2.45
C GLY B 318 -18.65 15.72 3.61
N ASN B 319 -19.95 15.60 3.33
CA ASN B 319 -20.94 15.25 4.36
C ASN B 319 -20.71 13.81 4.85
N GLY B 320 -20.77 13.61 6.17
CA GLY B 320 -20.57 12.33 6.83
C GLY B 320 -19.16 11.77 6.74
N VAL B 321 -18.20 12.55 6.20
CA VAL B 321 -16.84 12.04 6.04
C VAL B 321 -16.03 12.44 7.29
N PRO B 322 -15.40 11.48 8.02
CA PRO B 322 -14.56 11.85 9.18
C PRO B 322 -13.44 12.80 8.76
N SER B 323 -13.13 13.77 9.63
CA SER B 323 -12.10 14.76 9.35
C SER B 323 -10.77 14.07 9.01
N LYS B 324 -10.10 14.55 7.97
CA LYS B 324 -8.77 14.07 7.56
C LYS B 324 -7.71 15.02 8.05
N LEU B 325 -8.13 16.04 8.79
CA LEU B 325 -7.24 17.07 9.30
C LEU B 325 -6.43 16.57 10.47
N ILE B 326 -5.11 16.66 10.35
CA ILE B 326 -4.18 16.25 11.41
C ILE B 326 -3.21 17.40 11.61
N TYR B 327 -2.54 17.41 12.75
CA TYR B 327 -1.66 18.49 13.15
C TYR B 327 -0.30 17.99 13.52
N LYS B 328 0.72 18.79 13.20
CA LYS B 328 2.11 18.47 13.49
C LYS B 328 2.43 18.79 14.92
N LYS B 329 1.82 19.87 15.47
CA LYS B 329 2.03 20.37 16.84
C LYS B 329 3.51 20.74 17.10
C1 GOL C . -17.31 -36.95 -11.02
O1 GOL C . -16.76 -38.19 -10.53
C2 GOL C . -18.84 -36.97 -10.94
O2 GOL C . -19.37 -37.00 -12.27
C3 GOL C . -19.36 -35.73 -10.17
O3 GOL C . -18.95 -35.77 -8.79
C1 GOL D . -10.17 -7.84 -15.23
O1 GOL D . -8.95 -8.50 -14.89
C2 GOL D . -10.93 -7.44 -13.96
O2 GOL D . -11.11 -8.58 -13.11
C3 GOL D . -12.30 -6.85 -14.34
O3 GOL D . -13.13 -6.63 -13.19
C1 GOL E . -1.85 -1.18 15.17
O1 GOL E . -2.36 -2.35 14.57
C2 GOL E . -1.80 -0.07 14.09
O2 GOL E . -3.02 0.11 13.32
C3 GOL E . -0.52 -0.25 13.29
O3 GOL E . -0.57 -1.52 12.65
C1 GOL F . -8.77 -2.22 -6.34
O1 GOL F . -7.35 -2.33 -6.15
C2 GOL F . -9.13 -2.16 -7.84
O2 GOL F . -8.85 -0.85 -8.28
C3 GOL F . -10.61 -2.50 -8.15
O3 GOL F . -10.93 -2.05 -9.49
C1 GOL G . 7.31 -18.88 33.16
O1 GOL G . 6.56 -18.53 32.00
C2 GOL G . 7.62 -17.68 34.09
O2 GOL G . 6.86 -16.50 33.74
C3 GOL G . 9.14 -17.38 34.07
O3 GOL G . 9.50 -16.49 35.14
C1 GOL H . -12.69 -11.52 15.98
O1 GOL H . -12.52 -12.96 16.11
C2 GOL H . -11.57 -10.88 15.10
O2 GOL H . -12.09 -10.08 14.01
C3 GOL H . -10.59 -10.05 15.95
O3 GOL H . -9.40 -10.81 16.26
C1 GOL I . -8.87 -20.26 17.11
O1 GOL I . -7.75 -20.83 17.87
C2 GOL I . -8.66 -20.03 15.55
O2 GOL I . -7.42 -20.57 15.06
C3 GOL I . -8.85 -18.52 15.13
O3 GOL I . -9.97 -18.23 14.24
C1 GOL J . 4.05 11.28 5.28
O1 GOL J . 5.39 11.58 4.92
C2 GOL J . 3.45 10.07 4.54
O2 GOL J . 4.31 8.93 4.61
C3 GOL J . 2.98 10.39 3.11
O3 GOL J . 3.73 11.47 2.51
C1 GOL K . 5.64 -5.68 38.76
O1 GOL K . 6.14 -6.91 38.24
C2 GOL K . 4.09 -5.66 38.90
O2 GOL K . 3.41 -6.39 37.86
C3 GOL K . 3.64 -4.20 38.89
O3 GOL K . 2.21 -4.10 38.97
C1 GOL L . -6.89 32.00 -21.92
O1 GOL L . -7.79 32.85 -22.64
C2 GOL L . -6.40 30.78 -22.71
O2 GOL L . -6.66 30.88 -24.13
C3 GOL L . -4.91 30.52 -22.41
O3 GOL L . -4.04 31.63 -22.70
C1 GOL M . 7.62 19.30 -10.10
O1 GOL M . 8.83 18.64 -9.69
C2 GOL M . 6.93 19.97 -8.88
O2 GOL M . 7.04 19.12 -7.71
C3 GOL M . 5.43 20.20 -9.13
O3 GOL M . 5.15 20.46 -10.48
C1 GOL N . 5.08 -14.95 -19.52
O1 GOL N . 5.49 -16.20 -20.06
C2 GOL N . 3.58 -14.95 -19.22
O2 GOL N . 2.82 -14.80 -20.44
C3 GOL N . 3.24 -13.87 -18.19
O3 GOL N . 3.92 -14.17 -16.97
C1 GOL O . -11.21 11.04 -16.63
O1 GOL O . -10.15 11.03 -17.59
C2 GOL O . -10.64 10.55 -15.30
O2 GOL O . -10.71 9.11 -15.30
C3 GOL O . -11.33 11.24 -14.11
O3 GOL O . -12.18 10.38 -13.33
O1 PG4 P . 2.72 36.21 0.72
C1 PG4 P . 3.54 37.13 1.41
C2 PG4 P . 4.86 36.42 1.81
O2 PG4 P . 5.89 36.81 0.93
C3 PG4 P . 5.84 35.79 -0.04
C4 PG4 P . 6.92 35.91 -1.08
O3 PG4 P . 7.14 34.61 -1.60
C5 PG4 P . 8.43 34.56 -2.22
C6 PG4 P . 8.26 34.72 -3.74
O4 PG4 P . 9.52 35.17 -4.28
C7 PG4 P . 10.19 34.09 -4.98
C8 PG4 P . 11.25 34.69 -5.91
O5 PG4 P . 12.44 33.90 -5.97
#